data_2YY7
#
_entry.id   2YY7
#
_cell.length_a   61.029
_cell.length_b   88.142
_cell.length_c   123.944
_cell.angle_alpha   90.00
_cell.angle_beta   90.00
_cell.angle_gamma   90.00
#
_symmetry.space_group_name_H-M   'P 21 21 21'
#
loop_
_entity.id
_entity.type
_entity.pdbx_description
1 polymer 'L-threonine dehydrogenase'
2 non-polymer 3,6,9,12,15,18,21-HEPTAOXATRICOSANE-1,23-DIOL
3 non-polymer NICOTINAMIDE-ADENINE-DINUCLEOTIDE
4 non-polymer '2-(N-MORPHOLINO)-ETHANESULFONIC ACID'
5 non-polymer GLYCEROL
6 water water
#
_entity_poly.entity_id   1
_entity_poly.type   'polypeptide(L)'
_entity_poly.pdbx_seq_one_letter_code
;MNPKILIIGACGQIGTELTQKLRKLYGTENVIASDIRKLNTDVVNSGPFEVVNALDFNQIEHLVEVHKITDIYLMAALLS
ATAEKNPAFAWDLNMNSLFHVLNLAKAKKIKKIFWPSSIAVFGPTTPKENTPQYTIMEPSTVYGISKQAGERWCEYYHNI
YGVDVRSIRYPGLISWSTPPGGGTTDYAVDIFYKAIADKKYECFLSSETKMPMMYMDDAIDATINIMKAPVEKIKIHSSY
NLAAMSFTPTEIANEIKKHIPEFTITYEPDFRQKIADSWPASIDDSQAREDWDWKHTFDLESMTKDMIEHLS
;
_entity_poly.pdbx_strand_id   A,B
#
loop_
_chem_comp.id
_chem_comp.type
_chem_comp.name
_chem_comp.formula
GOL non-polymer GLYCEROL 'C3 H8 O3'
MES non-polymer '2-(N-MORPHOLINO)-ETHANESULFONIC ACID' 'C6 H13 N O4 S'
NAD non-polymer NICOTINAMIDE-ADENINE-DINUCLEOTIDE 'C21 H27 N7 O14 P2'
PE8 non-polymer 3,6,9,12,15,18,21-HEPTAOXATRICOSANE-1,23-DIOL 'C16 H34 O9'
#
# COMPACT_ATOMS: atom_id res chain seq x y z
N MET A 1 27.94 7.17 -23.82
CA MET A 1 27.52 8.52 -23.35
C MET A 1 27.12 8.50 -21.88
N ASN A 2 27.58 9.49 -21.12
CA ASN A 2 27.25 9.58 -19.71
C ASN A 2 25.83 10.08 -19.54
N PRO A 3 25.16 9.66 -18.46
CA PRO A 3 23.78 10.10 -18.22
C PRO A 3 23.72 11.55 -17.77
N LYS A 4 22.55 12.15 -17.93
CA LYS A 4 22.33 13.52 -17.50
C LYS A 4 21.39 13.32 -16.31
N ILE A 5 21.92 13.56 -15.12
CA ILE A 5 21.19 13.33 -13.88
C ILE A 5 20.50 14.51 -13.21
N LEU A 6 19.29 14.25 -12.71
CA LEU A 6 18.52 15.25 -11.98
C LEU A 6 18.23 14.67 -10.61
N ILE A 7 18.76 15.31 -9.57
CA ILE A 7 18.52 14.86 -8.21
C ILE A 7 17.48 15.80 -7.58
N ILE A 8 16.32 15.25 -7.24
CA ILE A 8 15.25 16.02 -6.64
C ILE A 8 15.36 15.83 -5.13
N GLY A 9 15.50 16.94 -4.41
CA GLY A 9 15.66 16.89 -2.96
C GLY A 9 17.15 16.74 -2.68
N ALA A 10 17.97 17.42 -3.48
CA ALA A 10 19.42 17.34 -3.37
C ALA A 10 20.05 17.93 -2.11
N CYS A 11 19.31 18.76 -1.40
CA CYS A 11 19.82 19.38 -0.18
C CYS A 11 19.60 18.55 1.08
N GLY A 12 18.99 17.38 0.91
CA GLY A 12 18.74 16.50 2.05
C GLY A 12 19.96 15.79 2.58
N GLN A 13 19.76 15.00 3.63
CA GLN A 13 20.83 14.24 4.26
C GLN A 13 21.54 13.34 3.24
N ILE A 14 20.77 12.65 2.39
CA ILE A 14 21.35 11.76 1.40
C ILE A 14 21.75 12.55 0.15
N GLY A 15 20.83 13.37 -0.34
CA GLY A 15 21.06 14.16 -1.53
C GLY A 15 22.38 14.91 -1.55
N THR A 16 22.78 15.43 -0.40
CA THR A 16 24.03 16.17 -0.29
C THR A 16 25.22 15.33 -0.73
N GLU A 17 25.35 14.14 -0.17
CA GLU A 17 26.44 13.23 -0.50
C GLU A 17 26.27 12.59 -1.87
N LEU A 18 25.03 12.22 -2.21
CA LEU A 18 24.72 11.60 -3.49
C LEU A 18 25.11 12.50 -4.65
N THR A 19 24.79 13.78 -4.54
CA THR A 19 25.10 14.75 -5.57
C THR A 19 26.63 14.88 -5.75
N GLN A 20 27.34 14.96 -4.63
CA GLN A 20 28.80 15.09 -4.68
C GLN A 20 29.46 13.90 -5.34
N LYS A 21 29.06 12.70 -4.91
CA LYS A 21 29.63 11.48 -5.46
C LYS A 21 29.32 11.32 -6.94
N LEU A 22 28.08 11.59 -7.33
CA LEU A 22 27.69 11.48 -8.73
C LEU A 22 28.50 12.46 -9.60
N ARG A 23 28.72 13.66 -9.09
CA ARG A 23 29.48 14.67 -9.82
C ARG A 23 30.95 14.28 -10.00
N LYS A 24 31.49 13.52 -9.05
CA LYS A 24 32.88 13.07 -9.13
C LYS A 24 33.00 11.97 -10.19
N LEU A 25 31.96 11.15 -10.28
CA LEU A 25 31.93 10.04 -11.22
C LEU A 25 31.55 10.41 -12.64
N TYR A 26 30.57 11.30 -12.79
CA TYR A 26 30.11 11.67 -14.12
C TYR A 26 30.32 13.11 -14.57
N GLY A 27 30.89 13.94 -13.70
CA GLY A 27 31.11 15.33 -14.10
C GLY A 27 30.17 16.28 -13.39
N THR A 28 30.71 17.41 -12.95
CA THR A 28 29.94 18.42 -12.23
C THR A 28 28.66 18.89 -12.91
N GLU A 29 28.76 19.25 -14.18
CA GLU A 29 27.60 19.73 -14.94
C GLU A 29 26.67 18.66 -15.50
N ASN A 30 27.00 17.39 -15.28
CA ASN A 30 26.14 16.31 -15.76
C ASN A 30 25.11 15.96 -14.68
N VAL A 31 25.31 16.52 -13.49
CA VAL A 31 24.43 16.27 -12.36
C VAL A 31 23.76 17.58 -11.93
N ILE A 32 22.45 17.65 -12.10
CA ILE A 32 21.69 18.85 -11.75
C ILE A 32 21.04 18.63 -10.38
N ALA A 33 21.32 19.53 -9.44
CA ALA A 33 20.75 19.43 -8.11
C ALA A 33 19.49 20.31 -8.05
N SER A 34 18.43 19.79 -7.45
CA SER A 34 17.18 20.54 -7.35
C SER A 34 16.55 20.28 -5.99
N ASP A 35 15.88 21.29 -5.46
CA ASP A 35 15.24 21.20 -4.16
C ASP A 35 14.27 22.37 -4.02
N ILE A 36 13.33 22.28 -3.09
CA ILE A 36 12.39 23.37 -2.92
C ILE A 36 13.04 24.46 -2.07
N ARG A 37 14.07 24.06 -1.32
CA ARG A 37 14.83 24.99 -0.47
C ARG A 37 16.13 25.32 -1.19
N LYS A 38 16.48 26.60 -1.22
CA LYS A 38 17.73 27.02 -1.87
C LYS A 38 18.59 27.75 -0.84
N LEU A 39 19.46 27.00 -0.18
CA LEU A 39 20.34 27.57 0.84
C LEU A 39 21.76 27.68 0.31
N ASN A 40 22.56 28.55 0.93
CA ASN A 40 23.94 28.76 0.53
C ASN A 40 24.82 27.60 0.99
N THR A 41 24.31 26.39 0.81
CA THR A 41 25.02 25.18 1.20
C THR A 41 26.12 24.88 0.18
N ASP A 42 26.88 23.81 0.43
CA ASP A 42 27.96 23.42 -0.47
C ASP A 42 27.42 22.81 -1.75
N VAL A 43 26.33 22.05 -1.66
CA VAL A 43 25.76 21.39 -2.83
C VAL A 43 25.17 22.39 -3.82
N VAL A 44 24.57 23.46 -3.32
CA VAL A 44 23.98 24.47 -4.19
C VAL A 44 25.03 25.24 -5.01
N ASN A 45 26.13 25.61 -4.36
CA ASN A 45 27.18 26.38 -5.04
C ASN A 45 28.19 25.53 -5.81
N SER A 46 28.26 24.23 -5.54
CA SER A 46 29.23 23.38 -6.23
C SER A 46 28.72 22.75 -7.51
N GLY A 47 27.83 23.45 -8.23
CA GLY A 47 27.32 22.91 -9.48
C GLY A 47 25.94 23.44 -9.85
N PRO A 48 25.40 23.01 -11.01
CA PRO A 48 24.08 23.45 -11.47
C PRO A 48 22.98 23.15 -10.45
N PHE A 49 22.27 24.19 -10.02
CA PHE A 49 21.19 24.03 -9.05
C PHE A 49 19.90 24.65 -9.58
N GLU A 50 18.78 23.98 -9.32
CA GLU A 50 17.48 24.45 -9.77
C GLU A 50 16.44 24.32 -8.65
N VAL A 51 15.71 25.39 -8.39
CA VAL A 51 14.66 25.34 -7.38
C VAL A 51 13.52 24.58 -8.04
N VAL A 52 12.89 23.68 -7.30
CA VAL A 52 11.78 22.92 -7.86
C VAL A 52 10.87 22.39 -6.77
N ASN A 53 9.59 22.26 -7.09
CA ASN A 53 8.64 21.71 -6.14
C ASN A 53 8.23 20.38 -6.77
N ALA A 54 8.70 19.28 -6.21
CA ALA A 54 8.41 17.94 -6.73
C ALA A 54 6.92 17.62 -6.79
N LEU A 55 6.11 18.44 -6.13
CA LEU A 55 4.66 18.25 -6.10
C LEU A 55 4.03 18.74 -7.41
N ASP A 56 4.80 19.52 -8.17
CA ASP A 56 4.30 20.08 -9.43
C ASP A 56 4.91 19.37 -10.64
N PHE A 57 4.08 18.58 -11.32
CA PHE A 57 4.53 17.83 -12.51
C PHE A 57 5.17 18.71 -13.59
N ASN A 58 4.57 19.86 -13.87
CA ASN A 58 5.09 20.76 -14.89
C ASN A 58 6.49 21.28 -14.60
N GLN A 59 6.78 21.57 -13.34
CA GLN A 59 8.10 22.07 -12.96
C GLN A 59 9.18 21.01 -13.19
N ILE A 60 8.85 19.75 -12.91
CA ILE A 60 9.80 18.66 -13.10
C ILE A 60 9.99 18.43 -14.60
N GLU A 61 8.89 18.37 -15.34
CA GLU A 61 8.94 18.16 -16.78
C GLU A 61 9.81 19.23 -17.43
N HIS A 62 9.69 20.47 -16.96
CA HIS A 62 10.47 21.58 -17.50
C HIS A 62 11.97 21.41 -17.28
N LEU A 63 12.37 20.93 -16.11
CA LEU A 63 13.79 20.74 -15.84
C LEU A 63 14.33 19.57 -16.67
N VAL A 64 13.50 18.55 -16.85
CA VAL A 64 13.89 17.40 -17.65
C VAL A 64 14.18 17.85 -19.08
N GLU A 65 13.35 18.76 -19.57
CA GLU A 65 13.51 19.26 -20.94
C GLU A 65 14.68 20.23 -21.11
N VAL A 66 14.81 21.22 -20.22
CA VAL A 66 15.90 22.18 -20.34
C VAL A 66 17.28 21.63 -19.99
N HIS A 67 17.32 20.54 -19.24
CA HIS A 67 18.59 19.93 -18.88
C HIS A 67 18.75 18.56 -19.54
N LYS A 68 17.84 18.26 -20.47
CA LYS A 68 17.86 17.00 -21.23
C LYS A 68 18.22 15.82 -20.31
N ILE A 69 17.42 15.65 -19.26
CA ILE A 69 17.64 14.60 -18.28
C ILE A 69 17.33 13.18 -18.74
N THR A 70 18.18 12.24 -18.35
CA THR A 70 17.99 10.83 -18.69
C THR A 70 17.70 10.03 -17.42
N ASP A 71 18.30 10.44 -16.30
CA ASP A 71 18.12 9.75 -15.03
C ASP A 71 17.60 10.67 -13.91
N ILE A 72 16.64 10.18 -13.13
CA ILE A 72 16.11 10.97 -12.02
C ILE A 72 16.22 10.21 -10.71
N TYR A 73 16.81 10.86 -9.71
CA TYR A 73 16.93 10.30 -8.37
C TYR A 73 15.95 11.15 -7.54
N LEU A 74 14.79 10.59 -7.24
CA LEU A 74 13.76 11.29 -6.46
C LEU A 74 13.96 11.05 -4.97
N MET A 75 14.59 12.00 -4.31
CA MET A 75 14.88 11.89 -2.89
C MET A 75 13.92 12.68 -2.01
N ALA A 76 13.13 13.56 -2.60
CA ALA A 76 12.20 14.38 -1.84
C ALA A 76 11.04 13.59 -1.25
N ALA A 77 10.76 13.84 0.03
CA ALA A 77 9.68 13.17 0.76
C ALA A 77 9.83 13.55 2.22
N LEU A 78 8.78 13.34 3.00
CA LEU A 78 8.84 13.59 4.44
C LEU A 78 9.17 12.24 5.08
N LEU A 79 10.03 12.24 6.09
CA LEU A 79 10.44 11.00 6.75
C LEU A 79 9.46 10.46 7.80
N SER A 80 9.75 9.26 8.31
CA SER A 80 8.91 8.58 9.28
C SER A 80 8.36 9.40 10.45
N ALA A 81 9.24 10.01 11.24
CA ALA A 81 8.79 10.80 12.37
C ALA A 81 8.07 12.09 11.96
N THR A 82 8.66 12.82 11.02
CA THR A 82 8.07 14.06 10.55
C THR A 82 6.69 13.86 9.92
N ALA A 83 6.54 12.78 9.16
CA ALA A 83 5.27 12.50 8.50
C ALA A 83 4.10 12.32 9.48
N GLU A 84 4.39 11.80 10.67
CA GLU A 84 3.33 11.60 11.67
C GLU A 84 2.74 12.92 12.13
N LYS A 85 3.54 13.98 12.03
CA LYS A 85 3.07 15.30 12.44
C LYS A 85 2.19 15.95 11.38
N ASN A 86 2.25 15.44 10.15
CA ASN A 86 1.40 15.94 9.07
C ASN A 86 1.14 14.86 8.03
N PRO A 87 0.26 13.89 8.38
CA PRO A 87 -0.12 12.76 7.54
C PRO A 87 -0.59 13.13 6.14
N ALA A 88 -1.51 14.09 6.06
CA ALA A 88 -2.06 14.54 4.78
C ALA A 88 -0.99 15.02 3.82
N PHE A 89 -0.15 15.95 4.27
CA PHE A 89 0.89 16.49 3.41
C PHE A 89 1.94 15.43 3.04
N ALA A 90 2.30 14.58 3.99
CA ALA A 90 3.29 13.53 3.74
C ALA A 90 2.79 12.59 2.64
N TRP A 91 1.54 12.15 2.77
CA TRP A 91 0.97 11.24 1.77
C TRP A 91 0.97 11.93 0.40
N ASP A 92 0.54 13.18 0.37
CA ASP A 92 0.47 13.97 -0.85
C ASP A 92 1.84 14.05 -1.55
N LEU A 93 2.85 14.54 -0.82
CA LEU A 93 4.20 14.67 -1.38
C LEU A 93 4.85 13.34 -1.76
N ASN A 94 4.91 12.42 -0.80
CA ASN A 94 5.54 11.13 -1.04
C ASN A 94 4.95 10.35 -2.21
N MET A 95 3.62 10.37 -2.37
CA MET A 95 2.99 9.64 -3.46
C MET A 95 2.97 10.37 -4.80
N ASN A 96 2.50 11.62 -4.79
CA ASN A 96 2.40 12.37 -6.03
C ASN A 96 3.71 12.73 -6.69
N SER A 97 4.77 12.93 -5.91
CA SER A 97 6.06 13.24 -6.49
C SER A 97 6.53 11.99 -7.25
N LEU A 98 6.24 10.81 -6.70
CA LEU A 98 6.63 9.56 -7.34
C LEU A 98 5.83 9.35 -8.61
N PHE A 99 4.53 9.65 -8.57
CA PHE A 99 3.69 9.48 -9.75
C PHE A 99 4.19 10.38 -10.90
N HIS A 100 4.59 11.60 -10.58
CA HIS A 100 5.11 12.51 -11.60
C HIS A 100 6.34 11.95 -12.28
N VAL A 101 7.31 11.49 -11.49
CA VAL A 101 8.53 10.93 -12.04
C VAL A 101 8.27 9.63 -12.80
N LEU A 102 7.36 8.81 -12.28
CA LEU A 102 7.04 7.55 -12.95
C LEU A 102 6.35 7.84 -14.29
N ASN A 103 5.48 8.84 -14.30
CA ASN A 103 4.77 9.21 -15.52
C ASN A 103 5.73 9.81 -16.55
N LEU A 104 6.81 10.44 -16.09
CA LEU A 104 7.79 10.99 -17.03
C LEU A 104 8.49 9.82 -17.72
N ALA A 105 8.74 8.75 -16.97
CA ALA A 105 9.38 7.57 -17.53
C ALA A 105 8.40 6.85 -18.46
N LYS A 106 7.14 6.81 -18.07
CA LYS A 106 6.09 6.18 -18.89
C LYS A 106 5.99 6.90 -20.25
N ALA A 107 6.14 8.21 -20.22
CA ALA A 107 6.05 9.02 -21.44
C ALA A 107 7.36 9.02 -22.24
N LYS A 108 8.36 8.30 -21.74
CA LYS A 108 9.67 8.21 -22.41
C LYS A 108 10.44 9.52 -22.40
N LYS A 109 10.15 10.39 -21.43
CA LYS A 109 10.85 11.66 -21.32
C LYS A 109 12.16 11.50 -20.55
N ILE A 110 12.29 10.39 -19.83
CA ILE A 110 13.50 10.07 -19.08
C ILE A 110 13.72 8.57 -19.28
N LYS A 111 14.92 8.09 -18.98
CA LYS A 111 15.24 6.67 -19.18
C LYS A 111 15.27 5.80 -17.94
N LYS A 112 15.78 6.34 -16.83
CA LYS A 112 15.92 5.56 -15.61
C LYS A 112 15.52 6.34 -14.37
N ILE A 113 15.07 5.61 -13.35
CA ILE A 113 14.66 6.22 -12.11
C ILE A 113 15.20 5.49 -10.89
N PHE A 114 15.61 6.27 -9.89
CA PHE A 114 16.02 5.70 -8.63
C PHE A 114 15.06 6.34 -7.63
N TRP A 115 14.40 5.52 -6.83
CA TRP A 115 13.48 6.00 -5.82
C TRP A 115 13.70 5.11 -4.61
N PRO A 116 14.10 5.71 -3.47
CA PRO A 116 14.33 4.88 -2.30
C PRO A 116 13.11 4.63 -1.44
N SER A 117 13.01 3.39 -0.96
CA SER A 117 11.95 2.99 -0.06
C SER A 117 12.63 3.07 1.30
N SER A 118 12.08 2.35 2.28
CA SER A 118 12.65 2.35 3.62
C SER A 118 12.27 1.11 4.41
N ILE A 119 13.04 0.82 5.46
CA ILE A 119 12.74 -0.32 6.31
C ILE A 119 11.40 -0.03 6.99
N ALA A 120 10.91 1.19 6.82
CA ALA A 120 9.64 1.60 7.42
C ALA A 120 8.45 0.90 6.76
N VAL A 121 8.71 0.19 5.65
CA VAL A 121 7.65 -0.53 4.95
C VAL A 121 7.21 -1.76 5.76
N PHE A 122 8.03 -2.15 6.73
CA PHE A 122 7.73 -3.29 7.58
C PHE A 122 6.86 -2.86 8.76
N GLY A 123 6.16 -3.82 9.38
CA GLY A 123 5.30 -3.49 10.50
C GLY A 123 5.45 -4.43 11.68
N PRO A 124 4.59 -4.29 12.69
CA PRO A 124 4.55 -5.07 13.93
C PRO A 124 4.53 -6.58 13.74
N THR A 125 3.93 -7.01 12.63
CA THR A 125 3.79 -8.42 12.32
C THR A 125 4.92 -8.97 11.44
N THR A 126 5.90 -8.13 11.13
CA THR A 126 7.03 -8.54 10.31
C THR A 126 8.11 -9.17 11.21
N PRO A 127 8.65 -10.35 10.80
CA PRO A 127 9.70 -11.01 11.60
C PRO A 127 10.77 -9.96 11.92
N LYS A 128 11.23 -9.92 13.17
CA LYS A 128 12.19 -8.92 13.58
C LYS A 128 13.68 -9.17 13.31
N GLU A 129 14.05 -10.42 13.09
CA GLU A 129 15.46 -10.73 12.84
C GLU A 129 15.67 -11.28 11.43
N ASN A 130 16.70 -10.79 10.74
CA ASN A 130 17.01 -11.21 9.38
C ASN A 130 15.74 -11.19 8.51
N THR A 131 15.02 -10.09 8.55
CA THR A 131 13.79 -9.93 7.78
C THR A 131 14.03 -10.27 6.32
N PRO A 132 13.23 -11.19 5.75
CA PRO A 132 13.35 -11.63 4.35
C PRO A 132 12.92 -10.55 3.36
N GLN A 133 13.35 -10.70 2.10
CA GLN A 133 12.99 -9.76 1.04
C GLN A 133 11.48 -9.83 0.83
N TYR A 134 10.93 -11.03 0.87
CA TYR A 134 9.50 -11.24 0.71
C TYR A 134 8.96 -11.69 2.07
N THR A 135 8.15 -10.84 2.69
CA THR A 135 7.61 -11.16 4.01
C THR A 135 6.34 -10.36 4.29
N ILE A 136 5.85 -10.44 5.52
CA ILE A 136 4.66 -9.71 5.93
C ILE A 136 5.01 -8.23 6.05
N MET A 137 4.13 -7.36 5.54
CA MET A 137 4.37 -5.92 5.59
C MET A 137 3.09 -5.14 5.90
N GLU A 138 2.95 -4.70 7.14
CA GLU A 138 1.78 -3.93 7.54
C GLU A 138 2.23 -2.68 8.28
N PRO A 139 2.85 -1.74 7.55
CA PRO A 139 3.34 -0.49 8.15
C PRO A 139 2.27 0.24 8.97
N SER A 140 2.66 0.69 10.16
CA SER A 140 1.75 1.39 11.05
C SER A 140 1.92 2.92 11.01
N THR A 141 2.82 3.41 10.17
CA THR A 141 3.04 4.86 10.05
C THR A 141 2.63 5.35 8.66
N VAL A 142 2.30 6.64 8.57
CA VAL A 142 1.93 7.25 7.29
C VAL A 142 3.08 7.04 6.31
N TYR A 143 4.29 7.28 6.80
CA TYR A 143 5.50 7.14 6.00
C TYR A 143 5.61 5.73 5.40
N GLY A 144 5.56 4.71 6.25
CA GLY A 144 5.65 3.35 5.79
C GLY A 144 4.59 2.99 4.76
N ILE A 145 3.38 3.50 4.97
CA ILE A 145 2.28 3.24 4.03
C ILE A 145 2.61 3.83 2.66
N SER A 146 3.18 5.04 2.66
CA SER A 146 3.54 5.71 1.42
C SER A 146 4.65 4.96 0.70
N LYS A 147 5.60 4.43 1.47
CA LYS A 147 6.71 3.68 0.87
C LYS A 147 6.22 2.34 0.31
N GLN A 148 5.28 1.71 1.01
CA GLN A 148 4.77 0.43 0.53
C GLN A 148 3.99 0.62 -0.77
N ALA A 149 3.09 1.60 -0.79
CA ALA A 149 2.30 1.89 -1.98
C ALA A 149 3.26 2.31 -3.11
N GLY A 150 4.31 3.02 -2.73
CA GLY A 150 5.29 3.46 -3.71
C GLY A 150 5.91 2.26 -4.39
N GLU A 151 6.34 1.28 -3.59
CA GLU A 151 6.95 0.05 -4.11
C GLU A 151 5.99 -0.66 -5.06
N ARG A 152 4.73 -0.80 -4.65
CA ARG A 152 3.73 -1.46 -5.48
C ARG A 152 3.60 -0.76 -6.83
N TRP A 153 3.57 0.56 -6.82
CA TRP A 153 3.45 1.32 -8.06
C TRP A 153 4.70 1.25 -8.93
N CYS A 154 5.87 1.23 -8.31
CA CYS A 154 7.12 1.13 -9.08
C CYS A 154 7.11 -0.18 -9.86
N GLU A 155 6.72 -1.26 -9.18
CA GLU A 155 6.66 -2.57 -9.80
C GLU A 155 5.61 -2.57 -10.91
N TYR A 156 4.48 -1.93 -10.65
CA TYR A 156 3.41 -1.86 -11.64
C TYR A 156 3.93 -1.16 -12.90
N TYR A 157 4.50 0.03 -12.73
CA TYR A 157 5.01 0.79 -13.87
C TYR A 157 6.07 0.01 -14.65
N HIS A 158 6.88 -0.78 -13.95
CA HIS A 158 7.90 -1.58 -14.63
C HIS A 158 7.23 -2.67 -15.45
N ASN A 159 6.39 -3.46 -14.79
CA ASN A 159 5.70 -4.58 -15.41
C ASN A 159 4.70 -4.24 -16.49
N ILE A 160 4.00 -3.12 -16.33
CA ILE A 160 3.00 -2.72 -17.29
C ILE A 160 3.49 -1.73 -18.34
N TYR A 161 4.31 -0.76 -17.94
CA TYR A 161 4.79 0.22 -18.90
C TYR A 161 6.27 0.07 -19.27
N GLY A 162 6.94 -0.93 -18.71
CA GLY A 162 8.34 -1.16 -19.03
C GLY A 162 9.29 -0.12 -18.48
N VAL A 163 8.86 0.63 -17.47
CA VAL A 163 9.70 1.66 -16.87
C VAL A 163 10.88 1.09 -16.09
N ASP A 164 12.06 1.64 -16.31
CA ASP A 164 13.26 1.18 -15.59
C ASP A 164 13.34 1.98 -14.29
N VAL A 165 12.74 1.46 -13.23
CA VAL A 165 12.78 2.12 -11.92
C VAL A 165 13.43 1.16 -10.92
N ARG A 166 14.44 1.66 -10.24
CA ARG A 166 15.18 0.87 -9.27
C ARG A 166 15.05 1.44 -7.87
N SER A 167 14.96 0.56 -6.87
CA SER A 167 14.78 1.01 -5.50
C SER A 167 15.46 0.12 -4.46
N ILE A 168 15.75 0.73 -3.31
CA ILE A 168 16.33 0.01 -2.19
C ILE A 168 15.68 0.52 -0.90
N ARG A 169 15.48 -0.39 0.04
CA ARG A 169 14.88 -0.04 1.32
C ARG A 169 16.00 0.33 2.29
N TYR A 170 16.45 1.59 2.24
CA TYR A 170 17.53 2.04 3.12
C TYR A 170 17.21 1.83 4.60
N PRO A 171 18.19 1.35 5.38
CA PRO A 171 17.89 1.19 6.81
C PRO A 171 18.16 2.58 7.39
N GLY A 172 18.25 2.72 8.71
CA GLY A 172 18.52 4.04 9.28
C GLY A 172 19.90 4.51 8.82
N LEU A 173 19.98 5.71 8.24
CA LEU A 173 21.25 6.22 7.74
C LEU A 173 21.96 7.22 8.66
N ILE A 174 23.30 7.13 8.69
CA ILE A 174 24.13 7.97 9.54
C ILE A 174 25.14 8.80 8.72
N SER A 175 25.16 10.10 8.95
CA SER A 175 26.09 10.96 8.22
C SER A 175 26.59 12.14 9.05
N TRP A 176 27.63 12.79 8.55
CA TRP A 176 28.27 13.93 9.21
C TRP A 176 28.15 15.25 8.45
N SER A 177 27.81 15.20 7.17
CA SER A 177 27.74 16.42 6.36
C SER A 177 26.47 17.26 6.44
N THR A 178 25.34 16.62 6.68
CA THR A 178 24.06 17.33 6.74
C THR A 178 23.16 16.69 7.80
N PRO A 179 22.40 17.51 8.54
CA PRO A 179 21.48 17.02 9.58
C PRO A 179 20.40 16.13 9.00
N PRO A 180 19.93 15.13 9.77
CA PRO A 180 18.88 14.23 9.29
C PRO A 180 17.57 15.00 9.13
N GLY A 181 16.62 14.43 8.40
CA GLY A 181 15.36 15.11 8.16
C GLY A 181 14.20 14.73 9.05
N GLY A 182 14.46 14.02 10.14
CA GLY A 182 13.38 13.64 11.04
C GLY A 182 12.94 12.20 10.90
N GLY A 183 13.91 11.29 10.81
CA GLY A 183 13.58 9.88 10.73
C GLY A 183 13.55 9.36 12.15
N THR A 184 13.21 8.09 12.33
CA THR A 184 13.15 7.51 13.66
C THR A 184 14.52 7.05 14.14
N THR A 185 15.45 6.93 13.19
CA THR A 185 16.81 6.49 13.48
C THR A 185 17.78 7.65 13.65
N ASP A 186 17.28 8.87 13.61
CA ASP A 186 18.12 10.07 13.73
C ASP A 186 18.98 10.14 15.00
N TYR A 187 18.63 9.39 16.03
CA TYR A 187 19.42 9.42 17.26
C TYR A 187 20.86 8.96 17.01
N ALA A 188 21.05 8.09 16.02
CA ALA A 188 22.37 7.56 15.70
C ALA A 188 23.30 8.63 15.10
N VAL A 189 22.72 9.77 14.75
CA VAL A 189 23.48 10.89 14.21
C VAL A 189 23.65 11.89 15.35
N ASP A 190 22.53 12.25 15.97
CA ASP A 190 22.52 13.21 17.07
C ASP A 190 23.52 12.83 18.19
N ILE A 191 23.56 11.55 18.53
CA ILE A 191 24.44 11.05 19.58
C ILE A 191 25.89 11.48 19.34
N PHE A 192 26.29 11.58 18.07
CA PHE A 192 27.65 12.00 17.76
C PHE A 192 27.84 13.49 18.02
N TYR A 193 26.89 14.31 17.60
CA TYR A 193 27.01 15.75 17.80
C TYR A 193 26.99 16.13 19.29
N LYS A 194 26.13 15.47 20.06
CA LYS A 194 26.02 15.77 21.50
C LYS A 194 27.19 15.17 22.28
N ALA A 195 27.70 14.02 21.84
CA ALA A 195 28.83 13.40 22.52
C ALA A 195 30.05 14.31 22.40
N ILE A 196 30.25 14.83 21.20
CA ILE A 196 31.38 15.71 20.91
C ILE A 196 31.20 17.12 21.48
N ALA A 197 29.99 17.64 21.39
CA ALA A 197 29.71 18.99 21.89
C ALA A 197 29.51 19.08 23.40
N ASP A 198 28.67 18.21 23.94
CA ASP A 198 28.37 18.25 25.37
C ASP A 198 28.97 17.09 26.18
N LYS A 199 29.44 16.06 25.50
CA LYS A 199 30.02 14.91 26.19
C LYS A 199 28.94 14.12 26.91
N LYS A 200 27.69 14.33 26.50
CA LYS A 200 26.55 13.63 27.07
C LYS A 200 25.38 13.73 26.09
N TYR A 201 24.45 12.77 26.16
CA TYR A 201 23.32 12.76 25.24
C TYR A 201 22.07 12.16 25.87
N GLU A 202 20.92 12.73 25.53
CA GLU A 202 19.64 12.24 26.00
C GLU A 202 18.97 11.62 24.78
N CYS A 203 18.99 10.29 24.74
CA CYS A 203 18.44 9.51 23.62
C CYS A 203 16.91 9.40 23.62
N PHE A 204 16.30 9.56 22.45
CA PHE A 204 14.84 9.47 22.36
C PHE A 204 14.29 8.05 22.10
N LEU A 205 15.17 7.06 22.26
CA LEU A 205 14.81 5.66 22.10
C LEU A 205 15.43 4.91 23.28
N SER A 206 14.75 3.86 23.77
CA SER A 206 15.27 3.08 24.90
C SER A 206 16.55 2.34 24.53
N SER A 207 17.39 2.11 25.54
CA SER A 207 18.71 1.48 25.37
C SER A 207 18.88 0.23 24.54
N GLU A 208 17.92 -0.70 24.57
CA GLU A 208 18.06 -1.93 23.82
C GLU A 208 17.25 -2.00 22.52
N THR A 209 16.90 -0.85 21.96
CA THR A 209 16.14 -0.78 20.72
C THR A 209 17.06 -1.09 19.55
N LYS A 210 17.13 -2.37 19.18
CA LYS A 210 17.99 -2.82 18.09
C LYS A 210 17.37 -2.48 16.74
N MET A 211 18.15 -1.84 15.87
CA MET A 211 17.65 -1.45 14.56
C MET A 211 18.67 -1.63 13.46
N PRO A 212 18.21 -1.72 12.21
CA PRO A 212 19.07 -1.88 11.03
C PRO A 212 19.60 -0.49 10.68
N MET A 213 20.92 -0.37 10.57
CA MET A 213 21.55 0.91 10.27
C MET A 213 22.58 0.77 9.16
N MET A 214 22.98 1.91 8.60
CA MET A 214 23.99 1.95 7.54
C MET A 214 24.67 3.31 7.49
N TYR A 215 25.98 3.30 7.28
CA TYR A 215 26.74 4.55 7.20
C TYR A 215 26.42 5.13 5.82
N MET A 216 26.32 6.46 5.72
CA MET A 216 25.98 7.10 4.44
C MET A 216 26.86 6.71 3.25
N ASP A 217 28.17 6.56 3.46
CA ASP A 217 29.05 6.16 2.36
C ASP A 217 28.56 4.88 1.70
N ASP A 218 28.07 3.96 2.51
CA ASP A 218 27.56 2.69 2.01
C ASP A 218 26.25 2.91 1.28
N ALA A 219 25.37 3.70 1.88
CA ALA A 219 24.08 3.99 1.27
C ALA A 219 24.28 4.59 -0.11
N ILE A 220 25.25 5.50 -0.24
CA ILE A 220 25.53 6.15 -1.51
C ILE A 220 26.09 5.16 -2.54
N ASP A 221 27.01 4.30 -2.12
CA ASP A 221 27.58 3.32 -3.03
C ASP A 221 26.47 2.39 -3.53
N ALA A 222 25.57 2.01 -2.63
CA ALA A 222 24.47 1.14 -2.99
C ALA A 222 23.60 1.79 -4.05
N THR A 223 23.25 3.05 -3.81
CA THR A 223 22.42 3.81 -4.73
C THR A 223 23.02 3.90 -6.12
N ILE A 224 24.30 4.27 -6.19
CA ILE A 224 24.99 4.39 -7.46
C ILE A 224 25.19 3.05 -8.16
N ASN A 225 25.56 2.03 -7.40
CA ASN A 225 25.79 0.72 -7.99
C ASN A 225 24.56 0.04 -8.57
N ILE A 226 23.42 0.13 -7.89
CA ILE A 226 22.21 -0.49 -8.43
C ILE A 226 21.77 0.24 -9.69
N MET A 227 22.04 1.54 -9.75
CA MET A 227 21.67 2.35 -10.91
C MET A 227 22.59 2.12 -12.12
N LYS A 228 23.87 1.89 -11.87
CA LYS A 228 24.81 1.67 -12.99
C LYS A 228 24.83 0.22 -13.46
N ALA A 229 24.24 -0.68 -12.68
CA ALA A 229 24.21 -2.08 -13.05
C ALA A 229 23.38 -2.34 -14.31
N PRO A 230 23.74 -3.37 -15.08
CA PRO A 230 22.97 -3.68 -16.29
C PRO A 230 21.53 -4.02 -15.91
N VAL A 231 20.59 -3.62 -16.75
CA VAL A 231 19.18 -3.85 -16.49
C VAL A 231 18.79 -5.29 -16.18
N GLU A 232 19.42 -6.25 -16.85
CA GLU A 232 19.08 -7.66 -16.62
C GLU A 232 19.46 -8.16 -15.22
N LYS A 233 20.23 -7.36 -14.48
CA LYS A 233 20.62 -7.76 -13.12
C LYS A 233 19.63 -7.29 -12.07
N ILE A 234 18.75 -6.37 -12.47
CA ILE A 234 17.73 -5.86 -11.56
C ILE A 234 16.55 -6.81 -11.67
N LYS A 235 16.45 -7.76 -10.74
CA LYS A 235 15.40 -8.75 -10.76
C LYS A 235 14.17 -8.43 -9.91
N ILE A 236 14.33 -7.51 -8.97
CA ILE A 236 13.22 -7.12 -8.11
C ILE A 236 12.85 -5.69 -8.51
N HIS A 237 11.58 -5.49 -8.85
CA HIS A 237 11.13 -4.18 -9.30
C HIS A 237 10.27 -3.37 -8.33
N SER A 238 10.20 -3.87 -7.10
CA SER A 238 9.50 -3.19 -6.02
C SER A 238 10.63 -2.42 -5.35
N SER A 239 11.34 -3.06 -4.44
CA SER A 239 12.49 -2.45 -3.77
C SER A 239 13.32 -3.54 -3.10
N TYR A 240 14.64 -3.38 -3.13
CA TYR A 240 15.56 -4.35 -2.54
C TYR A 240 15.83 -4.14 -1.06
N ASN A 241 15.84 -5.22 -0.30
CA ASN A 241 16.19 -5.14 1.10
C ASN A 241 17.67 -4.74 1.01
N LEU A 242 18.16 -3.95 1.95
CA LEU A 242 19.55 -3.50 1.93
C LEU A 242 20.04 -3.45 3.38
N ALA A 243 21.17 -4.08 3.65
CA ALA A 243 21.68 -4.11 5.02
C ALA A 243 23.17 -3.88 5.15
N ALA A 244 23.57 -3.50 6.35
CA ALA A 244 24.98 -3.26 6.68
C ALA A 244 25.17 -3.56 8.17
N MET A 245 24.55 -2.76 9.03
CA MET A 245 24.68 -2.94 10.48
C MET A 245 23.34 -3.05 11.20
N SER A 246 23.43 -3.47 12.46
CA SER A 246 22.29 -3.57 13.36
C SER A 246 22.92 -3.42 14.74
N PHE A 247 22.42 -2.45 15.50
CA PHE A 247 22.93 -2.19 16.83
C PHE A 247 21.90 -1.45 17.69
N THR A 248 22.13 -1.44 19.00
CA THR A 248 21.26 -0.77 19.94
C THR A 248 21.93 0.54 20.37
N PRO A 249 21.17 1.42 21.03
CA PRO A 249 21.78 2.68 21.48
C PRO A 249 22.93 2.37 22.45
N THR A 250 22.74 1.37 23.30
CA THR A 250 23.78 0.99 24.26
C THR A 250 25.07 0.66 23.53
N GLU A 251 24.96 -0.10 22.44
CA GLU A 251 26.15 -0.48 21.68
C GLU A 251 26.84 0.70 20.99
N ILE A 252 26.09 1.59 20.33
CA ILE A 252 26.74 2.71 19.66
C ILE A 252 27.32 3.69 20.67
N ALA A 253 26.66 3.83 21.81
CA ALA A 253 27.14 4.72 22.86
C ALA A 253 28.45 4.15 23.43
N ASN A 254 28.52 2.82 23.54
CA ASN A 254 29.72 2.16 24.05
C ASN A 254 30.89 2.29 23.08
N GLU A 255 30.58 2.27 21.78
CA GLU A 255 31.64 2.41 20.79
C GLU A 255 32.21 3.82 20.87
N ILE A 256 31.32 4.80 21.05
CA ILE A 256 31.72 6.20 21.16
C ILE A 256 32.58 6.42 22.41
N LYS A 257 32.26 5.68 23.48
CA LYS A 257 33.01 5.81 24.74
C LYS A 257 34.48 5.43 24.58
N LYS A 258 34.80 4.65 23.56
CA LYS A 258 36.18 4.25 23.31
C LYS A 258 36.96 5.46 22.81
N HIS A 259 36.25 6.42 22.22
CA HIS A 259 36.87 7.64 21.69
C HIS A 259 36.69 8.82 22.66
N ILE A 260 35.58 8.81 23.40
CA ILE A 260 35.28 9.84 24.38
C ILE A 260 34.90 9.11 25.67
N PRO A 261 35.90 8.74 26.48
CA PRO A 261 35.73 8.02 27.75
C PRO A 261 34.77 8.62 28.76
N GLU A 262 34.63 9.94 28.75
CA GLU A 262 33.75 10.63 29.70
C GLU A 262 32.31 10.74 29.21
N PHE A 263 32.05 10.30 27.98
CA PHE A 263 30.70 10.38 27.41
C PHE A 263 29.69 9.59 28.24
N THR A 264 28.55 10.21 28.51
CA THR A 264 27.49 9.56 29.27
C THR A 264 26.18 9.67 28.48
N ILE A 265 25.28 8.71 28.69
CA ILE A 265 24.02 8.70 27.98
C ILE A 265 22.84 8.28 28.87
N THR A 266 21.74 9.00 28.74
CA THR A 266 20.52 8.71 29.48
C THR A 266 19.45 8.45 28.42
N TYR A 267 18.40 7.75 28.79
CA TYR A 267 17.34 7.39 27.84
C TYR A 267 15.96 7.94 28.18
N GLU A 268 15.41 8.76 27.28
CA GLU A 268 14.09 9.35 27.48
C GLU A 268 13.24 9.16 26.22
N PRO A 269 12.76 7.93 25.99
CA PRO A 269 11.94 7.56 24.83
C PRO A 269 10.69 8.42 24.65
N ASP A 270 10.42 8.82 23.42
CA ASP A 270 9.22 9.60 23.14
C ASP A 270 8.38 8.88 22.07
N PHE A 271 7.49 9.60 21.39
CA PHE A 271 6.63 8.96 20.40
C PHE A 271 7.39 8.15 19.34
N ARG A 272 8.64 8.51 19.10
CA ARG A 272 9.44 7.79 18.12
C ARG A 272 9.74 6.34 18.50
N GLN A 273 9.61 6.03 19.78
CA GLN A 273 9.84 4.66 20.26
C GLN A 273 8.78 3.71 19.70
N LYS A 274 7.56 4.22 19.57
CA LYS A 274 6.45 3.42 19.06
C LYS A 274 6.66 3.07 17.59
N ILE A 275 7.32 3.95 16.86
CA ILE A 275 7.59 3.68 15.45
C ILE A 275 8.66 2.59 15.38
N ALA A 276 9.75 2.81 16.12
CA ALA A 276 10.85 1.86 16.16
C ALA A 276 10.41 0.46 16.57
N ASP A 277 9.53 0.37 17.56
CA ASP A 277 9.04 -0.93 18.01
C ASP A 277 8.25 -1.68 16.93
N SER A 278 7.78 -0.96 15.91
CA SER A 278 7.03 -1.61 14.84
C SER A 278 7.94 -2.06 13.70
N TRP A 279 9.24 -1.80 13.81
CA TRP A 279 10.20 -2.18 12.78
C TRP A 279 11.09 -3.34 13.19
N PRO A 280 11.71 -4.02 12.21
CA PRO A 280 12.60 -5.16 12.44
C PRO A 280 13.89 -4.71 13.13
N ALA A 281 14.67 -5.66 13.61
CA ALA A 281 15.92 -5.36 14.28
C ALA A 281 17.09 -5.49 13.31
N SER A 282 16.99 -6.47 12.41
CA SER A 282 18.03 -6.73 11.40
C SER A 282 17.39 -7.17 10.08
N ILE A 283 18.08 -6.92 8.97
CA ILE A 283 17.55 -7.22 7.63
C ILE A 283 18.39 -8.20 6.80
N ASP A 284 17.72 -9.10 6.08
CA ASP A 284 18.40 -10.06 5.20
C ASP A 284 18.38 -9.48 3.78
N ASP A 285 19.54 -9.02 3.31
CA ASP A 285 19.62 -8.44 1.97
C ASP A 285 20.33 -9.32 0.95
N SER A 286 20.14 -10.63 1.06
CA SER A 286 20.79 -11.58 0.13
C SER A 286 20.48 -11.37 -1.35
N GLN A 287 19.24 -11.01 -1.69
CA GLN A 287 18.90 -10.81 -3.10
C GLN A 287 19.71 -9.65 -3.70
N ALA A 288 19.93 -8.60 -2.92
CA ALA A 288 20.71 -7.46 -3.40
C ALA A 288 22.15 -7.86 -3.67
N ARG A 289 22.74 -8.61 -2.74
CA ARG A 289 24.12 -9.05 -2.88
C ARG A 289 24.26 -10.03 -4.04
N GLU A 290 23.26 -10.88 -4.23
CA GLU A 290 23.28 -11.88 -5.30
C GLU A 290 22.99 -11.28 -6.68
N ASP A 291 21.96 -10.44 -6.77
CA ASP A 291 21.59 -9.84 -8.05
C ASP A 291 22.55 -8.80 -8.62
N TRP A 292 22.97 -7.84 -7.81
CA TRP A 292 23.88 -6.81 -8.31
C TRP A 292 25.15 -6.61 -7.49
N ASP A 293 25.55 -7.65 -6.77
CA ASP A 293 26.78 -7.61 -5.98
C ASP A 293 26.87 -6.58 -4.87
N TRP A 294 25.78 -6.33 -4.16
CA TRP A 294 25.82 -5.37 -3.08
C TRP A 294 26.74 -5.90 -1.97
N LYS A 295 27.54 -5.00 -1.40
CA LYS A 295 28.44 -5.32 -0.30
C LYS A 295 28.73 -4.06 0.50
N HIS A 296 28.48 -4.10 1.81
CA HIS A 296 28.74 -2.93 2.66
C HIS A 296 30.19 -2.94 3.12
N THR A 297 30.71 -1.76 3.45
CA THR A 297 32.10 -1.66 3.88
C THR A 297 32.28 -1.24 5.34
N PHE A 298 31.36 -0.45 5.87
CA PHE A 298 31.46 0.02 7.25
C PHE A 298 30.65 -0.76 8.28
N ASP A 299 31.27 -1.03 9.44
CA ASP A 299 30.56 -1.69 10.53
C ASP A 299 30.53 -0.63 11.63
N LEU A 300 29.95 -0.95 12.79
CA LEU A 300 29.85 0.02 13.87
C LEU A 300 31.18 0.70 14.24
N GLU A 301 32.23 -0.09 14.39
CA GLU A 301 33.55 0.44 14.74
C GLU A 301 34.15 1.40 13.70
N SER A 302 34.16 1.00 12.44
CA SER A 302 34.72 1.87 11.40
C SER A 302 33.87 3.11 11.15
N MET A 303 32.56 3.00 11.32
CA MET A 303 31.71 4.16 11.11
C MET A 303 31.89 5.17 12.25
N THR A 304 31.96 4.67 13.47
CA THR A 304 32.14 5.54 14.63
C THR A 304 33.44 6.32 14.50
N LYS A 305 34.50 5.63 14.08
CA LYS A 305 35.79 6.28 13.92
C LYS A 305 35.70 7.40 12.88
N ASP A 306 35.15 7.06 11.71
CA ASP A 306 34.99 8.01 10.62
C ASP A 306 34.12 9.21 10.98
N MET A 307 33.06 8.98 11.77
CA MET A 307 32.19 10.07 12.19
C MET A 307 32.94 11.03 13.10
N ILE A 308 33.61 10.49 14.11
CA ILE A 308 34.36 11.32 15.05
C ILE A 308 35.48 12.09 14.36
N GLU A 309 36.10 11.49 13.34
CA GLU A 309 37.17 12.18 12.62
C GLU A 309 36.58 13.37 11.88
N HIS A 310 35.42 13.17 11.27
CA HIS A 310 34.76 14.25 10.52
C HIS A 310 34.22 15.35 11.43
N LEU A 311 33.78 14.97 12.63
CA LEU A 311 33.20 15.93 13.55
C LEU A 311 34.08 16.49 14.66
N SER A 312 35.32 16.02 14.77
CA SER A 312 36.20 16.51 15.82
C SER A 312 37.68 16.49 15.47
N MET B 1 -30.80 3.36 20.09
CA MET B 1 -31.48 3.74 18.80
C MET B 1 -30.97 2.84 17.68
N ASN B 2 -31.76 2.70 16.63
CA ASN B 2 -31.34 1.89 15.49
C ASN B 2 -30.39 2.77 14.69
N PRO B 3 -29.44 2.17 13.97
CA PRO B 3 -28.51 2.98 13.19
C PRO B 3 -29.14 3.66 11.98
N LYS B 4 -28.62 4.83 11.63
CA LYS B 4 -29.09 5.56 10.46
C LYS B 4 -27.97 5.29 9.48
N ILE B 5 -28.27 4.51 8.45
CA ILE B 5 -27.28 4.07 7.48
C ILE B 5 -27.27 4.74 6.10
N LEU B 6 -26.06 4.98 5.61
CA LEU B 6 -25.87 5.55 4.29
C LEU B 6 -25.02 4.55 3.52
N ILE B 7 -25.56 4.05 2.42
CA ILE B 7 -24.83 3.11 1.59
C ILE B 7 -24.38 3.85 0.35
N ILE B 8 -23.07 3.97 0.16
CA ILE B 8 -22.52 4.67 -1.00
C ILE B 8 -22.18 3.62 -2.05
N GLY B 9 -22.85 3.70 -3.19
CA GLY B 9 -22.65 2.73 -4.25
C GLY B 9 -23.70 1.64 -4.07
N ALA B 10 -24.88 2.05 -3.62
CA ALA B 10 -25.98 1.13 -3.33
C ALA B 10 -26.59 0.39 -4.52
N CYS B 11 -26.29 0.84 -5.74
CA CYS B 11 -26.83 0.20 -6.93
C CYS B 11 -25.95 -0.89 -7.51
N GLY B 12 -24.80 -1.14 -6.87
CA GLY B 12 -23.90 -2.17 -7.36
C GLY B 12 -24.35 -3.59 -7.08
N GLN B 13 -23.53 -4.55 -7.48
CA GLN B 13 -23.83 -5.96 -7.30
C GLN B 13 -24.07 -6.30 -5.83
N ILE B 14 -23.22 -5.80 -4.94
CA ILE B 14 -23.39 -6.07 -3.51
C ILE B 14 -24.39 -5.09 -2.91
N GLY B 15 -24.21 -3.82 -3.23
CA GLY B 15 -25.08 -2.77 -2.72
C GLY B 15 -26.57 -3.06 -2.86
N THR B 16 -26.95 -3.69 -3.96
CA THR B 16 -28.35 -4.02 -4.20
C THR B 16 -28.93 -4.91 -3.11
N GLU B 17 -28.22 -6.00 -2.81
CA GLU B 17 -28.67 -6.95 -1.78
C GLU B 17 -28.44 -6.43 -0.37
N LEU B 18 -27.34 -5.72 -0.17
CA LEU B 18 -27.00 -5.17 1.14
C LEU B 18 -28.06 -4.16 1.60
N THR B 19 -28.48 -3.28 0.69
CA THR B 19 -29.49 -2.28 1.01
C THR B 19 -30.82 -2.95 1.37
N GLN B 20 -31.20 -3.96 0.60
CA GLN B 20 -32.44 -4.68 0.84
C GLN B 20 -32.45 -5.32 2.22
N LYS B 21 -31.40 -6.07 2.54
CA LYS B 21 -31.30 -6.75 3.83
C LYS B 21 -31.26 -5.78 5.00
N LEU B 22 -30.46 -4.73 4.90
CA LEU B 22 -30.38 -3.77 5.99
C LEU B 22 -31.75 -3.11 6.23
N ARG B 23 -32.48 -2.85 5.15
CA ARG B 23 -33.81 -2.24 5.28
C ARG B 23 -34.79 -3.21 5.95
N LYS B 24 -34.61 -4.51 5.73
CA LYS B 24 -35.49 -5.49 6.34
C LYS B 24 -35.24 -5.55 7.84
N LEU B 25 -33.97 -5.45 8.22
CA LEU B 25 -33.56 -5.51 9.61
C LEU B 25 -33.71 -4.23 10.42
N TYR B 26 -33.44 -3.08 9.80
CA TYR B 26 -33.50 -1.82 10.51
C TYR B 26 -34.59 -0.85 10.08
N GLY B 27 -35.37 -1.21 9.06
CA GLY B 27 -36.41 -0.32 8.60
C GLY B 27 -36.03 0.35 7.30
N THR B 28 -37.00 0.47 6.40
CA THR B 28 -36.78 1.08 5.09
C THR B 28 -36.19 2.49 5.11
N GLU B 29 -36.75 3.38 5.93
CA GLU B 29 -36.26 4.76 5.99
C GLU B 29 -35.00 5.00 6.82
N ASN B 30 -34.53 3.99 7.54
CA ASN B 30 -33.32 4.14 8.33
C ASN B 30 -32.10 3.86 7.46
N VAL B 31 -32.34 3.36 6.25
CA VAL B 31 -31.27 3.04 5.32
C VAL B 31 -31.37 3.93 4.08
N ILE B 32 -30.38 4.79 3.90
CA ILE B 32 -30.34 5.70 2.76
C ILE B 32 -29.43 5.11 1.70
N ALA B 33 -29.95 4.90 0.49
CA ALA B 33 -29.16 4.36 -0.60
C ALA B 33 -28.67 5.53 -1.45
N SER B 34 -27.39 5.49 -1.83
CA SER B 34 -26.83 6.55 -2.65
C SER B 34 -25.91 5.97 -3.70
N ASP B 35 -25.85 6.63 -4.85
CA ASP B 35 -25.02 6.18 -5.95
C ASP B 35 -24.86 7.34 -6.93
N ILE B 36 -23.86 7.25 -7.80
CA ILE B 36 -23.66 8.32 -8.77
C ILE B 36 -24.63 8.07 -9.92
N ARG B 37 -25.14 6.84 -9.99
CA ARG B 37 -26.10 6.44 -11.02
C ARG B 37 -27.48 6.27 -10.38
N LYS B 38 -28.52 6.76 -11.05
CA LYS B 38 -29.88 6.64 -10.53
C LYS B 38 -30.74 6.01 -11.62
N LEU B 39 -30.82 4.68 -11.61
CA LEU B 39 -31.61 3.96 -12.61
C LEU B 39 -33.00 3.59 -12.08
N ASN B 40 -33.84 3.07 -12.97
CA ASN B 40 -35.19 2.66 -12.64
C ASN B 40 -35.16 1.36 -11.84
N THR B 41 -34.02 1.08 -11.22
CA THR B 41 -33.84 -0.12 -10.43
C THR B 41 -34.81 -0.22 -9.26
N ASP B 42 -34.84 -1.38 -8.64
CA ASP B 42 -35.71 -1.62 -7.49
C ASP B 42 -35.10 -0.95 -6.26
N VAL B 43 -33.78 -0.75 -6.30
CA VAL B 43 -33.06 -0.14 -5.19
C VAL B 43 -33.50 1.31 -4.97
N VAL B 44 -33.46 2.10 -6.04
CA VAL B 44 -33.83 3.50 -5.96
C VAL B 44 -35.27 3.72 -5.48
N ASN B 45 -36.21 2.98 -6.06
CA ASN B 45 -37.62 3.12 -5.70
C ASN B 45 -38.09 2.42 -4.43
N SER B 46 -37.25 1.60 -3.80
CA SER B 46 -37.68 0.90 -2.59
C SER B 46 -37.36 1.64 -1.29
N GLY B 47 -37.06 2.93 -1.37
CA GLY B 47 -36.75 3.68 -0.18
C GLY B 47 -35.98 4.95 -0.47
N PRO B 48 -35.59 5.73 0.55
CA PRO B 48 -34.85 6.96 0.30
C PRO B 48 -33.59 6.75 -0.52
N PHE B 49 -33.46 7.54 -1.59
CA PHE B 49 -32.31 7.45 -2.47
C PHE B 49 -31.72 8.84 -2.69
N GLU B 50 -30.39 8.91 -2.76
CA GLU B 50 -29.69 10.17 -2.98
C GLU B 50 -28.60 9.99 -4.02
N VAL B 51 -28.57 10.87 -5.02
CA VAL B 51 -27.52 10.80 -6.02
C VAL B 51 -26.31 11.40 -5.32
N VAL B 52 -25.14 10.79 -5.50
CA VAL B 52 -23.93 11.32 -4.87
C VAL B 52 -22.69 10.84 -5.60
N ASN B 53 -21.63 11.62 -5.52
CA ASN B 53 -20.36 11.23 -6.12
C ASN B 53 -19.43 11.06 -4.94
N ALA B 54 -19.03 9.82 -4.67
CA ALA B 54 -18.15 9.53 -3.53
C ALA B 54 -16.82 10.30 -3.55
N LEU B 55 -16.44 10.83 -4.70
CA LEU B 55 -15.19 11.58 -4.82
C LEU B 55 -15.34 13.00 -4.29
N ASP B 56 -16.57 13.43 -4.05
CA ASP B 56 -16.83 14.77 -3.56
C ASP B 56 -17.16 14.77 -2.08
N PHE B 57 -16.17 15.13 -1.26
CA PHE B 57 -16.32 15.16 0.19
C PHE B 57 -17.51 15.96 0.70
N ASN B 58 -17.69 17.17 0.18
CA ASN B 58 -18.80 18.01 0.64
C ASN B 58 -20.18 17.42 0.36
N GLN B 59 -20.30 16.65 -0.72
CA GLN B 59 -21.57 16.02 -1.04
C GLN B 59 -21.89 14.91 -0.03
N ILE B 60 -20.87 14.16 0.37
CA ILE B 60 -21.08 13.08 1.35
C ILE B 60 -21.40 13.70 2.71
N GLU B 61 -20.65 14.73 3.08
CA GLU B 61 -20.85 15.41 4.36
C GLU B 61 -22.26 16.00 4.44
N HIS B 62 -22.77 16.50 3.33
CA HIS B 62 -24.12 17.07 3.33
C HIS B 62 -25.19 16.01 3.55
N LEU B 63 -25.02 14.83 2.95
CA LEU B 63 -25.99 13.75 3.12
C LEU B 63 -25.93 13.25 4.56
N VAL B 64 -24.72 13.17 5.11
CA VAL B 64 -24.54 12.74 6.49
C VAL B 64 -25.29 13.67 7.43
N GLU B 65 -25.25 14.96 7.12
CA GLU B 65 -25.93 15.95 7.96
C GLU B 65 -27.46 15.92 7.78
N VAL B 66 -27.92 16.00 6.54
CA VAL B 66 -29.34 16.03 6.25
C VAL B 66 -30.09 14.73 6.60
N HIS B 67 -29.35 13.63 6.71
CA HIS B 67 -29.96 12.36 7.06
C HIS B 67 -29.46 11.84 8.42
N LYS B 68 -28.74 12.70 9.15
CA LYS B 68 -28.20 12.36 10.47
C LYS B 68 -27.63 10.94 10.50
N ILE B 69 -26.74 10.65 9.56
CA ILE B 69 -26.12 9.34 9.42
C ILE B 69 -25.16 8.96 10.55
N THR B 70 -25.24 7.70 10.99
CA THR B 70 -24.34 7.19 12.03
C THR B 70 -23.38 6.16 11.45
N ASP B 71 -23.87 5.39 10.48
CA ASP B 71 -23.07 4.34 9.82
C ASP B 71 -22.96 4.53 8.31
N ILE B 72 -21.77 4.29 7.77
CA ILE B 72 -21.55 4.39 6.33
C ILE B 72 -20.92 3.12 5.77
N TYR B 73 -21.58 2.54 4.75
CA TYR B 73 -21.07 1.37 4.05
C TYR B 73 -20.56 1.93 2.71
N LEU B 74 -19.24 2.04 2.56
CA LEU B 74 -18.63 2.59 1.34
C LEU B 74 -18.37 1.49 0.34
N MET B 75 -19.31 1.32 -0.59
CA MET B 75 -19.21 0.27 -1.59
C MET B 75 -18.69 0.75 -2.94
N ALA B 76 -18.69 2.06 -3.16
CA ALA B 76 -18.23 2.61 -4.43
C ALA B 76 -16.72 2.46 -4.68
N ALA B 77 -16.39 1.91 -5.84
CA ALA B 77 -15.01 1.69 -6.25
C ALA B 77 -15.03 1.02 -7.61
N LEU B 78 -13.88 1.00 -8.28
CA LEU B 78 -13.76 0.34 -9.57
C LEU B 78 -13.12 -1.02 -9.24
N LEU B 79 -13.63 -2.09 -9.87
CA LEU B 79 -13.14 -3.43 -9.61
C LEU B 79 -11.81 -3.82 -10.31
N SER B 80 -11.28 -4.99 -9.93
CA SER B 80 -10.00 -5.47 -10.45
C SER B 80 -9.81 -5.38 -11.97
N ALA B 81 -10.71 -5.97 -12.74
CA ALA B 81 -10.58 -5.93 -14.19
C ALA B 81 -10.78 -4.53 -14.76
N THR B 82 -11.87 -3.88 -14.35
CA THR B 82 -12.18 -2.52 -14.83
C THR B 82 -11.11 -1.50 -14.50
N ALA B 83 -10.53 -1.62 -13.31
CA ALA B 83 -9.48 -0.69 -12.88
C ALA B 83 -8.28 -0.70 -13.82
N GLU B 84 -7.91 -1.88 -14.33
CA GLU B 84 -6.77 -2.00 -15.25
C GLU B 84 -6.97 -1.16 -16.51
N LYS B 85 -8.23 -0.93 -16.88
CA LYS B 85 -8.54 -0.13 -18.06
C LYS B 85 -8.42 1.37 -17.80
N ASN B 86 -8.50 1.77 -16.53
CA ASN B 86 -8.32 3.17 -16.18
C ASN B 86 -7.67 3.28 -14.80
N PRO B 87 -6.36 2.99 -14.73
CA PRO B 87 -5.56 3.03 -13.50
C PRO B 87 -5.68 4.33 -12.73
N ALA B 88 -5.49 5.45 -13.43
CA ALA B 88 -5.55 6.77 -12.80
C ALA B 88 -6.88 7.03 -12.09
N PHE B 89 -7.99 6.86 -12.79
CA PHE B 89 -9.29 7.09 -12.17
C PHE B 89 -9.60 6.08 -11.06
N ALA B 90 -9.18 4.83 -11.25
CA ALA B 90 -9.42 3.80 -10.25
C ALA B 90 -8.74 4.18 -8.94
N TRP B 91 -7.46 4.53 -9.03
CA TRP B 91 -6.69 4.94 -7.86
C TRP B 91 -7.36 6.13 -7.17
N ASP B 92 -7.78 7.10 -7.97
CA ASP B 92 -8.42 8.31 -7.46
C ASP B 92 -9.71 7.99 -6.71
N LEU B 93 -10.62 7.27 -7.36
CA LEU B 93 -11.90 6.91 -6.75
C LEU B 93 -11.72 6.02 -5.51
N ASN B 94 -11.07 4.87 -5.68
CA ASN B 94 -10.88 3.93 -4.60
C ASN B 94 -10.20 4.52 -3.36
N MET B 95 -9.17 5.33 -3.55
CA MET B 95 -8.47 5.91 -2.40
C MET B 95 -9.16 7.11 -1.77
N ASN B 96 -9.49 8.11 -2.58
CA ASN B 96 -10.09 9.31 -2.03
C ASN B 96 -11.50 9.17 -1.46
N SER B 97 -12.31 8.27 -1.99
CA SER B 97 -13.65 8.09 -1.44
C SER B 97 -13.48 7.54 -0.02
N LEU B 98 -12.48 6.68 0.15
CA LEU B 98 -12.20 6.10 1.47
C LEU B 98 -11.71 7.18 2.43
N PHE B 99 -10.79 8.04 1.96
CA PHE B 99 -10.28 9.11 2.82
C PHE B 99 -11.42 10.01 3.30
N HIS B 100 -12.37 10.31 2.42
CA HIS B 100 -13.50 11.16 2.78
C HIS B 100 -14.32 10.53 3.90
N VAL B 101 -14.63 9.25 3.77
CA VAL B 101 -15.42 8.55 4.77
C VAL B 101 -14.64 8.41 6.09
N LEU B 102 -13.36 8.09 5.98
CA LEU B 102 -12.53 7.95 7.18
C LEU B 102 -12.44 9.31 7.87
N ASN B 103 -12.29 10.38 7.10
CA ASN B 103 -12.19 11.71 7.67
C ASN B 103 -13.49 12.16 8.33
N LEU B 104 -14.63 11.71 7.82
CA LEU B 104 -15.92 12.06 8.41
C LEU B 104 -15.98 11.41 9.80
N ALA B 105 -15.40 10.22 9.91
CA ALA B 105 -15.37 9.49 11.18
C ALA B 105 -14.39 10.18 12.12
N LYS B 106 -13.26 10.62 11.57
CA LYS B 106 -12.24 11.31 12.36
C LYS B 106 -12.85 12.57 12.98
N ALA B 107 -13.69 13.24 12.21
CA ALA B 107 -14.35 14.47 12.65
C ALA B 107 -15.55 14.15 13.53
N LYS B 108 -15.81 12.85 13.72
CA LYS B 108 -16.92 12.38 14.54
C LYS B 108 -18.28 12.78 14.00
N LYS B 109 -18.38 12.88 12.67
CA LYS B 109 -19.64 13.22 12.02
C LYS B 109 -20.46 11.94 11.82
N ILE B 110 -19.77 10.80 11.90
CA ILE B 110 -20.41 9.49 11.78
C ILE B 110 -19.78 8.62 12.88
N LYS B 111 -20.41 7.49 13.19
CA LYS B 111 -19.89 6.62 14.25
C LYS B 111 -19.18 5.36 13.81
N LYS B 112 -19.65 4.74 12.74
CA LYS B 112 -19.08 3.49 12.26
C LYS B 112 -18.95 3.43 10.75
N ILE B 113 -17.99 2.64 10.30
CA ILE B 113 -17.72 2.50 8.89
C ILE B 113 -17.50 1.06 8.46
N PHE B 114 -18.09 0.70 7.33
CA PHE B 114 -17.82 -0.61 6.75
C PHE B 114 -17.24 -0.28 5.40
N TRP B 115 -16.08 -0.87 5.10
CA TRP B 115 -15.41 -0.67 3.82
C TRP B 115 -14.82 -2.02 3.44
N PRO B 116 -15.22 -2.57 2.29
CA PRO B 116 -14.72 -3.86 1.85
C PRO B 116 -13.39 -3.82 1.11
N SER B 117 -12.55 -4.80 1.40
CA SER B 117 -11.26 -4.95 0.74
C SER B 117 -11.54 -6.11 -0.22
N SER B 118 -10.50 -6.84 -0.62
CA SER B 118 -10.69 -7.94 -1.55
C SER B 118 -9.53 -8.92 -1.52
N ILE B 119 -9.75 -10.11 -2.05
CA ILE B 119 -8.69 -11.11 -2.13
C ILE B 119 -7.63 -10.57 -3.09
N ALA B 120 -7.98 -9.51 -3.79
CA ALA B 120 -7.08 -8.87 -4.74
C ALA B 120 -5.86 -8.25 -4.08
N VAL B 121 -5.90 -8.13 -2.75
CA VAL B 121 -4.76 -7.57 -2.02
C VAL B 121 -3.57 -8.53 -2.06
N PHE B 122 -3.83 -9.78 -2.39
CA PHE B 122 -2.75 -10.77 -2.46
C PHE B 122 -2.07 -10.74 -3.82
N GLY B 123 -0.84 -11.25 -3.88
CA GLY B 123 -0.10 -11.25 -5.13
C GLY B 123 0.57 -12.57 -5.50
N PRO B 124 1.40 -12.56 -6.56
CA PRO B 124 2.13 -13.71 -7.08
C PRO B 124 2.96 -14.48 -6.05
N THR B 125 3.49 -13.76 -5.06
CA THR B 125 4.33 -14.35 -4.03
C THR B 125 3.55 -14.80 -2.79
N THR B 126 2.23 -14.65 -2.86
CA THR B 126 1.36 -15.04 -1.75
C THR B 126 1.02 -16.54 -1.82
N PRO B 127 1.17 -17.26 -0.69
CA PRO B 127 0.86 -18.69 -0.68
C PRO B 127 -0.53 -18.90 -1.28
N LYS B 128 -0.66 -19.87 -2.18
CA LYS B 128 -1.94 -20.10 -2.84
C LYS B 128 -3.02 -20.91 -2.15
N GLU B 129 -2.65 -21.79 -1.23
CA GLU B 129 -3.65 -22.60 -0.53
C GLU B 129 -3.77 -22.20 0.93
N ASN B 130 -5.01 -22.06 1.39
CA ASN B 130 -5.28 -21.66 2.76
C ASN B 130 -4.47 -20.42 3.15
N THR B 131 -4.55 -19.38 2.33
CA THR B 131 -3.82 -18.14 2.59
C THR B 131 -4.14 -17.62 4.00
N PRO B 132 -3.11 -17.40 4.83
CA PRO B 132 -3.28 -16.92 6.20
C PRO B 132 -3.72 -15.45 6.27
N GLN B 133 -4.22 -15.05 7.43
CA GLN B 133 -4.66 -13.67 7.66
C GLN B 133 -3.45 -12.74 7.50
N TYR B 134 -2.32 -13.17 8.02
CA TYR B 134 -1.08 -12.40 7.95
C TYR B 134 -0.13 -13.14 7.00
N THR B 135 0.17 -12.52 5.87
CA THR B 135 1.02 -13.17 4.87
C THR B 135 1.66 -12.14 3.93
N ILE B 136 2.42 -12.63 2.96
CA ILE B 136 3.06 -11.76 1.99
C ILE B 136 1.96 -11.19 1.09
N MET B 137 2.02 -9.89 0.81
CA MET B 137 1.02 -9.24 -0.04
C MET B 137 1.66 -8.25 -1.01
N GLU B 138 1.84 -8.68 -2.25
CA GLU B 138 2.42 -7.82 -3.27
C GLU B 138 1.48 -7.76 -4.48
N PRO B 139 0.32 -7.11 -4.32
CA PRO B 139 -0.65 -7.00 -5.42
C PRO B 139 -0.04 -6.46 -6.70
N SER B 140 -0.40 -7.08 -7.81
CA SER B 140 0.11 -6.68 -9.11
C SER B 140 -0.90 -5.89 -9.94
N THR B 141 -2.06 -5.59 -9.36
CA THR B 141 -3.08 -4.83 -10.07
C THR B 141 -3.33 -3.49 -9.36
N VAL B 142 -3.79 -2.49 -10.11
CA VAL B 142 -4.07 -1.17 -9.55
C VAL B 142 -5.13 -1.33 -8.45
N TYR B 143 -6.11 -2.17 -8.70
CA TYR B 143 -7.19 -2.44 -7.75
C TYR B 143 -6.59 -2.98 -6.45
N GLY B 144 -5.80 -4.04 -6.57
CA GLY B 144 -5.16 -4.65 -5.41
C GLY B 144 -4.33 -3.65 -4.61
N ILE B 145 -3.61 -2.78 -5.31
CA ILE B 145 -2.80 -1.77 -4.64
C ILE B 145 -3.70 -0.82 -3.84
N SER B 146 -4.80 -0.40 -4.44
CA SER B 146 -5.72 0.50 -3.77
C SER B 146 -6.34 -0.15 -2.54
N LYS B 147 -6.68 -1.44 -2.65
CA LYS B 147 -7.27 -2.13 -1.52
C LYS B 147 -6.22 -2.31 -0.41
N GLN B 148 -4.98 -2.58 -0.78
CA GLN B 148 -3.93 -2.75 0.23
C GLN B 148 -3.66 -1.45 1.00
N ALA B 149 -3.51 -0.34 0.27
CA ALA B 149 -3.28 0.96 0.90
C ALA B 149 -4.51 1.35 1.74
N GLY B 150 -5.68 0.98 1.24
CA GLY B 150 -6.91 1.27 1.94
C GLY B 150 -6.89 0.57 3.30
N GLU B 151 -6.51 -0.70 3.31
CA GLU B 151 -6.43 -1.47 4.54
C GLU B 151 -5.47 -0.80 5.54
N ARG B 152 -4.32 -0.34 5.04
CA ARG B 152 -3.34 0.30 5.89
C ARG B 152 -3.89 1.58 6.51
N TRP B 153 -4.61 2.37 5.71
CA TRP B 153 -5.18 3.60 6.23
C TRP B 153 -6.33 3.35 7.21
N CYS B 154 -7.12 2.31 6.98
CA CYS B 154 -8.21 2.00 7.90
C CYS B 154 -7.61 1.69 9.27
N GLU B 155 -6.56 0.87 9.27
CA GLU B 155 -5.89 0.48 10.51
C GLU B 155 -5.28 1.73 11.17
N TYR B 156 -4.68 2.60 10.35
CA TYR B 156 -4.08 3.82 10.87
C TYR B 156 -5.13 4.70 11.56
N TYR B 157 -6.21 5.00 10.84
CA TYR B 157 -7.28 5.82 11.41
C TYR B 157 -7.85 5.22 12.70
N HIS B 158 -7.92 3.90 12.75
CA HIS B 158 -8.42 3.25 13.96
C HIS B 158 -7.45 3.44 15.11
N ASN B 159 -6.20 3.07 14.85
CA ASN B 159 -5.12 3.13 15.85
C ASN B 159 -4.72 4.52 16.31
N ILE B 160 -4.76 5.49 15.41
CA ILE B 160 -4.35 6.85 15.75
C ILE B 160 -5.51 7.77 16.09
N TYR B 161 -6.63 7.63 15.39
CA TYR B 161 -7.78 8.49 15.64
C TYR B 161 -8.95 7.79 16.32
N GLY B 162 -8.80 6.51 16.63
CA GLY B 162 -9.86 5.77 17.29
C GLY B 162 -11.11 5.51 16.46
N VAL B 163 -10.98 5.59 15.14
CA VAL B 163 -12.12 5.37 14.25
C VAL B 163 -12.58 3.91 14.20
N ASP B 164 -13.88 3.69 14.31
CA ASP B 164 -14.45 2.35 14.26
C ASP B 164 -14.75 1.98 12.81
N VAL B 165 -13.75 1.46 12.12
CA VAL B 165 -13.89 1.04 10.72
C VAL B 165 -13.67 -0.47 10.64
N ARG B 166 -14.57 -1.16 9.96
CA ARG B 166 -14.49 -2.61 9.85
C ARG B 166 -14.44 -3.03 8.39
N SER B 167 -13.68 -4.08 8.10
CA SER B 167 -13.50 -4.53 6.74
C SER B 167 -13.32 -6.03 6.58
N ILE B 168 -13.66 -6.53 5.40
CA ILE B 168 -13.50 -7.94 5.08
C ILE B 168 -13.03 -8.03 3.63
N ARG B 169 -12.11 -8.97 3.39
CA ARG B 169 -11.58 -9.19 2.06
C ARG B 169 -12.50 -10.17 1.33
N TYR B 170 -13.55 -9.65 0.69
CA TYR B 170 -14.49 -10.53 -0.02
C TYR B 170 -13.81 -11.34 -1.11
N PRO B 171 -14.16 -12.63 -1.23
CA PRO B 171 -13.55 -13.43 -2.30
C PRO B 171 -14.43 -13.07 -3.50
N GLY B 172 -14.34 -13.81 -4.60
CA GLY B 172 -15.19 -13.50 -5.75
C GLY B 172 -16.65 -13.74 -5.39
N LEU B 173 -17.50 -12.74 -5.59
CA LEU B 173 -18.92 -12.86 -5.24
C LEU B 173 -19.85 -13.21 -6.40
N ILE B 174 -20.85 -14.03 -6.10
CA ILE B 174 -21.81 -14.51 -7.08
C ILE B 174 -23.24 -14.14 -6.70
N SER B 175 -23.97 -13.50 -7.61
CA SER B 175 -25.35 -13.11 -7.32
C SER B 175 -26.24 -13.24 -8.54
N TRP B 176 -27.55 -13.14 -8.32
CA TRP B 176 -28.55 -13.25 -9.38
C TRP B 176 -29.35 -11.96 -9.59
N SER B 177 -29.32 -11.05 -8.63
CA SER B 177 -30.12 -9.82 -8.75
C SER B 177 -29.57 -8.68 -9.60
N THR B 178 -28.27 -8.48 -9.59
CA THR B 178 -27.63 -7.40 -10.34
C THR B 178 -26.34 -7.92 -10.95
N PRO B 179 -26.01 -7.53 -12.19
CA PRO B 179 -24.80 -7.96 -12.87
C PRO B 179 -23.53 -7.48 -12.16
N PRO B 180 -22.42 -8.22 -12.26
CA PRO B 180 -21.16 -7.84 -11.62
C PRO B 180 -20.60 -6.56 -12.26
N GLY B 181 -19.72 -5.88 -11.53
CA GLY B 181 -19.17 -4.63 -12.02
C GLY B 181 -17.85 -4.67 -12.76
N GLY B 182 -17.41 -5.85 -13.17
CA GLY B 182 -16.15 -5.93 -13.88
C GLY B 182 -15.01 -6.51 -13.07
N GLY B 183 -15.30 -7.55 -12.30
CA GLY B 183 -14.26 -8.19 -11.51
C GLY B 183 -13.60 -9.28 -12.31
N THR B 184 -12.69 -10.02 -11.70
CA THR B 184 -12.01 -11.10 -12.40
C THR B 184 -12.76 -12.42 -12.19
N THR B 185 -13.59 -12.44 -11.16
CA THR B 185 -14.38 -13.62 -10.81
C THR B 185 -15.78 -13.59 -11.41
N ASP B 186 -16.05 -12.59 -12.25
CA ASP B 186 -17.36 -12.43 -12.87
C ASP B 186 -17.83 -13.61 -13.73
N TYR B 187 -16.91 -14.47 -14.16
CA TYR B 187 -17.31 -15.61 -14.98
C TYR B 187 -18.26 -16.51 -14.19
N ALA B 188 -18.10 -16.51 -12.86
CA ALA B 188 -18.93 -17.36 -11.99
C ALA B 188 -20.39 -16.92 -11.98
N VAL B 189 -20.66 -15.72 -12.50
CA VAL B 189 -22.02 -15.21 -12.58
C VAL B 189 -22.50 -15.36 -14.03
N ASP B 190 -21.65 -14.94 -14.97
CA ASP B 190 -21.96 -15.02 -16.39
C ASP B 190 -22.30 -16.43 -16.85
N ILE B 191 -21.58 -17.42 -16.31
CA ILE B 191 -21.79 -18.82 -16.68
C ILE B 191 -23.24 -19.24 -16.48
N PHE B 192 -23.90 -18.69 -15.45
CA PHE B 192 -25.30 -19.04 -15.19
C PHE B 192 -26.21 -18.43 -16.25
N TYR B 193 -26.03 -17.13 -16.51
CA TYR B 193 -26.86 -16.45 -17.50
C TYR B 193 -26.73 -17.07 -18.88
N LYS B 194 -25.52 -17.47 -19.26
CA LYS B 194 -25.29 -18.07 -20.56
C LYS B 194 -25.72 -19.54 -20.62
N ALA B 195 -25.58 -20.25 -19.50
CA ALA B 195 -25.98 -21.64 -19.44
C ALA B 195 -27.50 -21.71 -19.59
N ILE B 196 -28.17 -20.78 -18.93
CA ILE B 196 -29.63 -20.75 -18.97
C ILE B 196 -30.18 -20.17 -20.26
N ALA B 197 -29.57 -19.10 -20.74
CA ALA B 197 -30.01 -18.45 -21.95
C ALA B 197 -29.61 -19.17 -23.24
N ASP B 198 -28.35 -19.55 -23.34
CA ASP B 198 -27.86 -20.20 -24.55
C ASP B 198 -27.44 -21.66 -24.39
N LYS B 199 -27.39 -22.14 -23.16
CA LYS B 199 -26.98 -23.51 -22.89
C LYS B 199 -25.52 -23.75 -23.29
N LYS B 200 -24.77 -22.66 -23.42
CA LYS B 200 -23.35 -22.75 -23.77
C LYS B 200 -22.65 -21.50 -23.24
N TYR B 201 -21.36 -21.61 -22.93
CA TYR B 201 -20.64 -20.47 -22.40
C TYR B 201 -19.16 -20.49 -22.79
N GLU B 202 -18.64 -19.30 -23.10
CA GLU B 202 -17.24 -19.13 -23.44
C GLU B 202 -16.62 -18.42 -22.25
N CYS B 203 -15.89 -19.19 -21.44
CA CYS B 203 -15.25 -18.70 -20.22
C CYS B 203 -13.96 -17.94 -20.47
N PHE B 204 -13.78 -16.80 -19.79
CA PHE B 204 -12.58 -15.99 -19.97
C PHE B 204 -11.42 -16.37 -19.05
N LEU B 205 -11.55 -17.53 -18.41
CA LEU B 205 -10.54 -18.07 -17.51
C LEU B 205 -10.36 -19.55 -17.89
N SER B 206 -9.13 -20.06 -17.78
CA SER B 206 -8.85 -21.45 -18.11
C SER B 206 -9.55 -22.37 -17.10
N SER B 207 -9.94 -23.55 -17.58
CA SER B 207 -10.68 -24.54 -16.80
C SER B 207 -10.21 -24.91 -15.41
N GLU B 208 -8.91 -24.87 -15.15
CA GLU B 208 -8.40 -25.27 -13.84
C GLU B 208 -7.99 -24.11 -12.93
N THR B 209 -8.50 -22.91 -13.22
CA THR B 209 -8.19 -21.74 -12.41
C THR B 209 -9.01 -21.75 -11.12
N LYS B 210 -8.44 -22.34 -10.07
CA LYS B 210 -9.13 -22.44 -8.77
C LYS B 210 -9.09 -21.09 -8.04
N MET B 211 -10.26 -20.60 -7.66
CA MET B 211 -10.35 -19.31 -6.97
C MET B 211 -11.27 -19.34 -5.76
N PRO B 212 -11.08 -18.40 -4.83
CA PRO B 212 -11.90 -18.29 -3.62
C PRO B 212 -13.19 -17.57 -4.02
N MET B 213 -14.33 -18.20 -3.73
CA MET B 213 -15.63 -17.64 -4.10
C MET B 213 -16.60 -17.64 -2.93
N MET B 214 -17.66 -16.85 -3.05
CA MET B 214 -18.69 -16.76 -2.02
C MET B 214 -20.03 -16.32 -2.61
N TYR B 215 -21.11 -16.96 -2.18
CA TYR B 215 -22.44 -16.60 -2.66
C TYR B 215 -22.80 -15.27 -2.00
N MET B 216 -23.51 -14.41 -2.71
CA MET B 216 -23.87 -13.10 -2.17
C MET B 216 -24.60 -13.17 -0.83
N ASP B 217 -25.46 -14.16 -0.66
CA ASP B 217 -26.19 -14.27 0.60
C ASP B 217 -25.21 -14.31 1.78
N ASP B 218 -24.14 -15.08 1.63
CA ASP B 218 -23.13 -15.21 2.67
C ASP B 218 -22.35 -13.90 2.85
N ALA B 219 -21.98 -13.28 1.73
CA ALA B 219 -21.23 -12.03 1.77
C ALA B 219 -22.03 -10.95 2.50
N ILE B 220 -23.34 -10.93 2.29
CA ILE B 220 -24.20 -9.94 2.95
C ILE B 220 -24.27 -10.24 4.44
N ASP B 221 -24.48 -11.51 4.79
CA ASP B 221 -24.54 -11.92 6.19
C ASP B 221 -23.26 -11.51 6.91
N ALA B 222 -22.13 -11.75 6.26
CA ALA B 222 -20.83 -11.43 6.83
C ALA B 222 -20.69 -9.93 7.08
N THR B 223 -21.12 -9.13 6.11
CA THR B 223 -21.06 -7.68 6.20
C THR B 223 -21.87 -7.12 7.36
N ILE B 224 -23.12 -7.55 7.46
CA ILE B 224 -24.00 -7.07 8.52
C ILE B 224 -23.54 -7.58 9.89
N ASN B 225 -23.10 -8.83 9.93
CA ASN B 225 -22.65 -9.41 11.19
C ASN B 225 -21.39 -8.77 11.77
N ILE B 226 -20.39 -8.49 10.93
CA ILE B 226 -19.18 -7.86 11.45
C ILE B 226 -19.52 -6.45 11.95
N MET B 227 -20.51 -5.82 11.33
CA MET B 227 -20.92 -4.48 11.73
C MET B 227 -21.78 -4.50 13.00
N LYS B 228 -22.51 -5.59 13.21
CA LYS B 228 -23.37 -5.74 14.38
C LYS B 228 -22.60 -6.17 15.63
N ALA B 229 -21.45 -6.80 15.43
CA ALA B 229 -20.66 -7.29 16.55
C ALA B 229 -20.20 -6.21 17.51
N PRO B 230 -20.10 -6.55 18.80
CA PRO B 230 -19.63 -5.53 19.76
C PRO B 230 -18.22 -5.12 19.37
N VAL B 231 -17.88 -3.85 19.59
CA VAL B 231 -16.57 -3.34 19.22
C VAL B 231 -15.37 -4.12 19.73
N GLU B 232 -15.48 -4.73 20.91
CA GLU B 232 -14.35 -5.49 21.45
C GLU B 232 -14.04 -6.78 20.71
N LYS B 233 -14.97 -7.26 19.90
CA LYS B 233 -14.74 -8.49 19.14
C LYS B 233 -13.99 -8.24 17.84
N ILE B 234 -13.89 -6.98 17.45
CA ILE B 234 -13.18 -6.63 16.22
C ILE B 234 -11.71 -6.42 16.59
N LYS B 235 -10.91 -7.46 16.40
CA LYS B 235 -9.50 -7.41 16.73
C LYS B 235 -8.56 -7.04 15.60
N ILE B 236 -9.03 -7.18 14.36
CA ILE B 236 -8.22 -6.83 13.20
C ILE B 236 -8.82 -5.57 12.61
N HIS B 237 -8.00 -4.53 12.50
CA HIS B 237 -8.47 -3.25 12.01
C HIS B 237 -8.05 -2.86 10.60
N SER B 238 -7.45 -3.82 9.90
CA SER B 238 -7.07 -3.61 8.51
C SER B 238 -8.25 -4.22 7.75
N SER B 239 -8.26 -5.54 7.62
CA SER B 239 -9.37 -6.22 6.97
C SER B 239 -9.28 -7.72 7.23
N TYR B 240 -10.43 -8.35 7.41
CA TYR B 240 -10.50 -9.78 7.70
C TYR B 240 -10.53 -10.70 6.49
N ASN B 241 -9.74 -11.77 6.53
CA ASN B 241 -9.78 -12.76 5.47
C ASN B 241 -11.20 -13.31 5.65
N LEU B 242 -11.85 -13.70 4.56
CA LEU B 242 -13.22 -14.23 4.63
C LEU B 242 -13.38 -15.31 3.56
N ALA B 243 -13.90 -16.48 3.94
CA ALA B 243 -14.04 -17.55 2.98
C ALA B 243 -15.35 -18.31 3.04
N ALA B 244 -15.58 -19.09 1.99
CA ALA B 244 -16.77 -19.92 1.86
C ALA B 244 -16.45 -21.08 0.93
N MET B 245 -16.23 -20.77 -0.34
CA MET B 245 -15.92 -21.79 -1.35
C MET B 245 -14.66 -21.50 -2.16
N SER B 246 -14.20 -22.55 -2.83
CA SER B 246 -13.05 -22.48 -3.73
C SER B 246 -13.37 -23.52 -4.79
N PHE B 247 -13.27 -23.13 -6.06
CA PHE B 247 -13.55 -24.06 -7.14
C PHE B 247 -13.00 -23.55 -8.46
N THR B 248 -12.94 -24.46 -9.43
CA THR B 248 -12.43 -24.15 -10.76
C THR B 248 -13.63 -23.99 -11.71
N PRO B 249 -13.39 -23.45 -12.91
CA PRO B 249 -14.51 -23.31 -13.83
C PRO B 249 -15.06 -24.70 -14.16
N THR B 250 -14.16 -25.69 -14.29
CA THR B 250 -14.59 -27.05 -14.59
C THR B 250 -15.59 -27.56 -13.56
N GLU B 251 -15.32 -27.31 -12.28
CA GLU B 251 -16.21 -27.76 -11.21
C GLU B 251 -17.58 -27.09 -11.18
N ILE B 252 -17.64 -25.77 -11.35
CA ILE B 252 -18.94 -25.08 -11.31
C ILE B 252 -19.73 -25.42 -12.57
N ALA B 253 -19.03 -25.67 -13.67
CA ALA B 253 -19.67 -26.04 -14.93
C ALA B 253 -20.30 -27.42 -14.75
N ASN B 254 -19.57 -28.32 -14.08
CA ASN B 254 -20.06 -29.66 -13.84
C ASN B 254 -21.27 -29.62 -12.92
N GLU B 255 -21.28 -28.69 -11.97
CA GLU B 255 -22.41 -28.59 -11.07
C GLU B 255 -23.63 -28.07 -11.83
N ILE B 256 -23.42 -27.13 -12.75
CA ILE B 256 -24.52 -26.59 -13.54
C ILE B 256 -25.05 -27.68 -14.47
N LYS B 257 -24.15 -28.51 -15.00
CA LYS B 257 -24.54 -29.59 -15.90
C LYS B 257 -25.51 -30.57 -15.26
N LYS B 258 -25.51 -30.65 -13.94
CA LYS B 258 -26.42 -31.54 -13.23
C LYS B 258 -27.84 -31.00 -13.38
N HIS B 259 -27.97 -29.69 -13.54
CA HIS B 259 -29.27 -29.05 -13.72
C HIS B 259 -29.61 -28.81 -15.18
N ILE B 260 -28.59 -28.58 -16.00
CA ILE B 260 -28.76 -28.34 -17.43
C ILE B 260 -27.81 -29.29 -18.15
N PRO B 261 -28.24 -30.55 -18.37
CA PRO B 261 -27.47 -31.60 -19.02
C PRO B 261 -26.79 -31.22 -20.34
N GLU B 262 -27.49 -30.45 -21.17
CA GLU B 262 -26.95 -30.07 -22.46
C GLU B 262 -25.96 -28.91 -22.43
N PHE B 263 -25.70 -28.38 -21.25
CA PHE B 263 -24.76 -27.27 -21.11
C PHE B 263 -23.34 -27.67 -21.48
N THR B 264 -22.71 -26.84 -22.32
CA THR B 264 -21.34 -27.08 -22.74
C THR B 264 -20.54 -25.81 -22.46
N ILE B 265 -19.24 -25.96 -22.23
CA ILE B 265 -18.39 -24.82 -21.93
C ILE B 265 -17.06 -24.92 -22.66
N THR B 266 -16.59 -23.78 -23.16
CA THR B 266 -15.29 -23.70 -23.84
C THR B 266 -14.50 -22.61 -23.13
N TYR B 267 -13.18 -22.67 -23.24
CA TYR B 267 -12.32 -21.72 -22.54
C TYR B 267 -11.45 -20.83 -23.42
N GLU B 268 -11.66 -19.52 -23.31
CA GLU B 268 -10.91 -18.53 -24.08
C GLU B 268 -10.40 -17.44 -23.15
N PRO B 269 -9.36 -17.76 -22.37
CA PRO B 269 -8.73 -16.85 -21.40
C PRO B 269 -8.23 -15.54 -22.00
N ASP B 270 -8.45 -14.43 -21.29
CA ASP B 270 -7.99 -13.14 -21.76
C ASP B 270 -7.12 -12.48 -20.68
N PHE B 271 -6.95 -11.16 -20.74
CA PHE B 271 -6.11 -10.46 -19.77
C PHE B 271 -6.48 -10.73 -18.32
N ARG B 272 -7.72 -11.11 -18.08
CA ARG B 272 -8.18 -11.39 -16.72
C ARG B 272 -7.53 -12.64 -16.12
N GLN B 273 -6.99 -13.50 -16.97
CA GLN B 273 -6.32 -14.72 -16.53
C GLN B 273 -5.05 -14.35 -15.77
N LYS B 274 -4.36 -13.32 -16.25
CA LYS B 274 -3.12 -12.87 -15.62
C LYS B 274 -3.40 -12.33 -14.22
N ILE B 275 -4.58 -11.76 -14.02
CA ILE B 275 -4.96 -11.24 -12.71
C ILE B 275 -5.22 -12.42 -11.79
N ALA B 276 -6.08 -13.33 -12.24
CA ALA B 276 -6.42 -14.52 -11.47
C ALA B 276 -5.17 -15.31 -11.09
N ASP B 277 -4.24 -15.43 -12.02
CA ASP B 277 -3.00 -16.17 -11.75
C ASP B 277 -2.17 -15.56 -10.62
N SER B 278 -2.39 -14.28 -10.33
CA SER B 278 -1.63 -13.61 -9.27
C SER B 278 -2.34 -13.73 -7.92
N TRP B 279 -3.50 -14.38 -7.90
CA TRP B 279 -4.27 -14.54 -6.66
C TRP B 279 -4.24 -15.96 -6.11
N PRO B 280 -4.58 -16.11 -4.82
CA PRO B 280 -4.62 -17.40 -4.12
C PRO B 280 -5.75 -18.26 -4.66
N ALA B 281 -5.76 -19.54 -4.28
CA ALA B 281 -6.79 -20.46 -4.71
C ALA B 281 -7.82 -20.67 -3.60
N SER B 282 -7.36 -20.66 -2.36
CA SER B 282 -8.23 -20.84 -1.19
C SER B 282 -7.75 -19.94 -0.05
N ILE B 283 -8.70 -19.48 0.77
CA ILE B 283 -8.40 -18.57 1.88
C ILE B 283 -8.64 -19.13 3.29
N ASP B 284 -7.74 -18.81 4.21
CA ASP B 284 -7.88 -19.24 5.61
C ASP B 284 -8.48 -18.07 6.40
N ASP B 285 -9.75 -18.20 6.77
CA ASP B 285 -10.45 -17.14 7.49
C ASP B 285 -10.75 -17.46 8.96
N SER B 286 -9.85 -18.19 9.62
CA SER B 286 -10.10 -18.54 11.01
C SER B 286 -10.19 -17.33 11.95
N GLN B 287 -9.43 -16.28 11.71
CA GLN B 287 -9.52 -15.11 12.59
C GLN B 287 -10.95 -14.56 12.63
N ALA B 288 -11.59 -14.54 11.46
CA ALA B 288 -12.96 -14.04 11.36
C ALA B 288 -13.94 -14.96 12.07
N ARG B 289 -13.74 -16.27 11.92
CA ARG B 289 -14.62 -17.24 12.56
C ARG B 289 -14.46 -17.22 14.08
N GLU B 290 -13.25 -16.96 14.55
CA GLU B 290 -13.04 -16.93 15.98
C GLU B 290 -13.30 -15.58 16.64
N ASP B 291 -13.02 -14.47 15.94
CA ASP B 291 -13.24 -13.14 16.52
C ASP B 291 -14.71 -12.73 16.56
N TRP B 292 -15.42 -12.87 15.45
CA TRP B 292 -16.83 -12.50 15.40
C TRP B 292 -17.80 -13.58 14.91
N ASP B 293 -17.39 -14.83 15.08
CA ASP B 293 -18.19 -16.00 14.71
C ASP B 293 -18.66 -16.14 13.27
N TRP B 294 -17.82 -15.75 12.32
CA TRP B 294 -18.21 -15.88 10.91
C TRP B 294 -18.46 -17.35 10.59
N LYS B 295 -19.52 -17.61 9.86
CA LYS B 295 -19.88 -18.96 9.44
C LYS B 295 -20.67 -18.88 8.12
N HIS B 296 -20.10 -19.42 7.05
CA HIS B 296 -20.77 -19.39 5.75
C HIS B 296 -21.85 -20.47 5.71
N THR B 297 -22.84 -20.27 4.84
CA THR B 297 -23.95 -21.21 4.73
C THR B 297 -23.99 -21.98 3.41
N PHE B 298 -23.64 -21.32 2.31
CA PHE B 298 -23.68 -21.96 0.99
C PHE B 298 -22.40 -22.56 0.45
N ASP B 299 -22.52 -23.73 -0.18
CA ASP B 299 -21.38 -24.37 -0.82
C ASP B 299 -21.72 -24.38 -2.31
N LEU B 300 -20.84 -24.91 -3.15
CA LEU B 300 -21.08 -24.92 -4.60
C LEU B 300 -22.42 -25.53 -4.99
N GLU B 301 -22.77 -26.65 -4.37
CA GLU B 301 -24.03 -27.33 -4.68
C GLU B 301 -25.25 -26.47 -4.37
N SER B 302 -25.36 -25.99 -3.13
CA SER B 302 -26.50 -25.19 -2.72
C SER B 302 -26.57 -23.85 -3.44
N MET B 303 -25.42 -23.25 -3.73
CA MET B 303 -25.40 -21.98 -4.46
C MET B 303 -25.89 -22.17 -5.89
N THR B 304 -25.40 -23.20 -6.56
CA THR B 304 -25.79 -23.46 -7.94
C THR B 304 -27.30 -23.67 -8.01
N LYS B 305 -27.85 -24.40 -7.03
CA LYS B 305 -29.28 -24.67 -7.00
C LYS B 305 -30.07 -23.38 -6.87
N ASP B 306 -29.71 -22.55 -5.91
CA ASP B 306 -30.39 -21.28 -5.66
C ASP B 306 -30.29 -20.31 -6.86
N MET B 307 -29.13 -20.27 -7.51
CA MET B 307 -28.96 -19.39 -8.67
C MET B 307 -29.90 -19.82 -9.79
N ILE B 308 -29.92 -21.11 -10.10
CA ILE B 308 -30.77 -21.62 -11.16
C ILE B 308 -32.26 -21.40 -10.86
N GLU B 309 -32.64 -21.50 -9.58
CA GLU B 309 -34.03 -21.27 -9.21
C GLU B 309 -34.39 -19.81 -9.48
N HIS B 310 -33.49 -18.90 -9.12
CA HIS B 310 -33.73 -17.47 -9.35
C HIS B 310 -33.74 -17.09 -10.81
N LEU B 311 -32.86 -17.71 -11.60
CA LEU B 311 -32.72 -17.40 -13.01
C LEU B 311 -33.54 -18.21 -14.02
N SER B 312 -34.25 -19.24 -13.56
CA SER B 312 -35.03 -20.05 -14.49
C SER B 312 -36.27 -20.70 -13.89
O1 PE8 C . 7.97 19.73 13.87
C2 PE8 C . 9.30 19.32 13.70
C3 PE8 C . 9.38 18.21 12.72
O4 PE8 C . 9.60 17.03 13.43
C5 PE8 C . 10.69 16.36 12.98
C6 PE8 C . 10.67 15.06 13.73
O7 PE8 C . 10.16 15.38 14.98
C8 PE8 C . 10.52 14.39 15.83
C9 PE8 C . 10.64 14.83 17.26
O10 PE8 C . 9.75 15.82 17.60
C11 PE8 C . 9.43 15.84 18.96
C12 PE8 C . 8.57 17.05 19.18
O13 PE8 C . 7.25 16.64 19.40
C14 PE8 C . 6.22 17.07 18.53
C15 PE8 C . 4.95 16.32 18.93
O16 PE8 C . 5.06 14.99 18.53
C17 PE8 C . 3.89 14.25 18.74
C18 PE8 C . 3.64 13.39 17.57
O19 PE8 C . 2.33 13.59 17.31
C20 PE8 C . 1.96 13.13 16.08
C21 PE8 C . 1.76 14.45 15.40
O22 PE8 C . 0.46 14.91 15.50
C23 PE8 C . 0.19 16.03 14.68
C24 PE8 C . -0.33 17.20 15.52
O25 PE8 C . 0.57 18.29 15.42
O1 PE8 D . -2.53 5.42 -19.62
C2 PE8 D . -1.78 5.50 -20.78
C3 PE8 D . -1.28 4.10 -21.05
O4 PE8 D . -0.49 4.09 -22.23
C5 PE8 D . 0.74 3.38 -22.10
C6 PE8 D . 1.97 4.27 -22.25
O7 PE8 D . 1.56 5.52 -22.68
C8 PE8 D . 2.54 6.50 -22.73
C9 PE8 D . 1.91 7.85 -22.43
O10 PE8 D . 2.44 8.43 -21.28
C11 PE8 D . 1.91 9.66 -20.92
C12 PE8 D . 1.86 9.89 -19.41
O13 PE8 D . 1.00 8.96 -18.84
C14 PE8 D . 0.22 9.38 -17.71
C15 PE8 D . -1.10 8.60 -17.65
O16 PE8 D . -1.31 7.79 -16.50
C17 PE8 D . -2.06 6.64 -16.66
C18 PE8 D . -1.80 5.52 -15.68
O19 PE8 D . -1.41 5.92 -14.44
C20 PE8 D . -2.22 5.43 -13.49
C21 PE8 D . -1.33 5.27 -12.32
O22 PE8 D . -2.04 5.95 -11.33
C23 PE8 D . -1.61 7.24 -11.20
C24 PE8 D . -2.46 8.01 -10.26
O25 PE8 D . -2.10 9.39 -10.30
PA NAD E . 15.84 14.87 4.02
O1A NAD E . 17.13 15.11 4.72
O2A NAD E . 14.62 15.22 4.79
O5B NAD E . 15.87 15.51 2.57
C5B NAD E . 14.68 15.76 1.86
C4B NAD E . 14.91 16.89 0.89
O4B NAD E . 13.75 16.98 0.06
C3B NAD E . 15.11 18.24 1.61
O3B NAD E . 16.30 18.91 1.18
C2B NAD E . 13.80 18.99 1.30
O2B NAD E . 14.00 20.40 1.22
C1B NAD E . 13.41 18.36 -0.05
N9A NAD E . 12.00 18.57 -0.39
C8A NAD E . 10.91 18.46 0.48
N7A NAD E . 9.80 18.75 -0.20
C5A NAD E . 10.17 19.02 -1.47
C6A NAD E . 9.42 19.40 -2.57
N6A NAD E . 8.13 19.64 -2.46
N1A NAD E . 10.07 19.65 -3.77
C2A NAD E . 11.44 19.51 -3.87
N3A NAD E . 12.20 19.15 -2.78
C4A NAD E . 11.54 18.92 -1.60
O3 NAD E . 15.68 13.30 3.72
PN NAD E . 16.82 12.20 3.37
O1N NAD E . 17.86 12.72 2.42
O2N NAD E . 17.18 11.57 4.68
O5D NAD E . 15.94 11.08 2.58
C5D NAD E . 15.85 11.11 1.15
C4D NAD E . 15.02 9.87 0.70
O4D NAD E . 15.57 8.69 1.26
C3D NAD E . 13.57 9.90 1.17
O3D NAD E . 12.75 9.27 0.19
C2D NAD E . 13.57 9.00 2.39
O2D NAD E . 12.26 8.56 2.63
C1D NAD E . 14.58 7.92 1.99
N1N NAD E . 15.12 7.25 3.19
C2N NAD E . 15.96 7.95 4.04
C3N NAD E . 16.47 7.31 5.17
C7N NAD E . 17.47 8.00 6.06
O7N NAD E . 17.84 7.30 7.19
N7N NAD E . 17.94 9.23 5.79
C4N NAD E . 16.10 5.98 5.46
C5N NAD E . 15.27 5.28 4.57
C6N NAD E . 14.77 5.93 3.46
O1 MES F . 14.95 13.49 23.06
C2 MES F . 14.92 12.76 24.23
C3 MES F . 14.76 13.70 25.41
N4 MES F . 13.67 14.64 25.21
C5 MES F . 13.06 14.83 23.89
C6 MES F . 13.68 13.97 22.78
C7 MES F . 13.25 15.41 26.37
C8 MES F . 11.84 16.00 26.35
S MES F . 11.44 16.98 27.67
O1S MES F . 11.74 16.28 28.82
O2S MES F . 12.23 18.09 27.51
O3S MES F . 10.17 17.34 27.43
C1 GOL G . 14.19 5.85 9.97
O1 GOL G . 14.42 7.09 10.27
C2 GOL G . 14.42 5.82 8.53
O2 GOL G . 14.43 4.47 8.28
C3 GOL G . 13.23 6.52 7.88
O3 GOL G . 13.29 6.10 6.60
O1 PE8 H . -5.80 -0.99 -20.63
C2 PE8 H . -5.17 -2.02 -19.89
C3 PE8 H . -5.90 -3.35 -19.89
O4 PE8 H . -6.49 -3.59 -21.10
C5 PE8 H . -7.19 -4.79 -21.12
C6 PE8 H . -7.93 -5.05 -22.42
O7 PE8 H . -8.86 -4.04 -22.63
C8 PE8 H . -9.67 -4.24 -23.76
C9 PE8 H . -11.13 -4.51 -23.41
O10 PE8 H . -11.39 -5.89 -23.33
C11 PE8 H . -12.67 -6.22 -22.92
C12 PE8 H . -12.62 -7.21 -21.81
O13 PE8 H . -13.25 -6.60 -20.73
C14 PE8 H . -13.34 -7.43 -19.63
C15 PE8 H . -14.21 -6.79 -18.57
O16 PE8 H . -13.58 -5.69 -18.03
C17 PE8 H . -14.48 -4.70 -17.57
C18 PE8 H . -14.20 -3.52 -18.44
O19 PE8 H . -15.03 -2.40 -18.33
C20 PE8 H . -15.06 -1.54 -19.48
C21 PE8 H . -14.25 -0.23 -19.39
O22 PE8 H . -14.77 0.87 -18.61
C23 PE8 H . -13.82 1.79 -18.03
C24 PE8 H . -14.32 2.34 -16.68
O25 PE8 H . -14.24 3.74 -16.41
O1 PE8 I . -11.21 14.48 -3.55
C2 PE8 I . -10.15 14.88 -2.60
C3 PE8 I . -9.25 13.71 -2.15
O4 PE8 I . -8.38 13.85 -1.03
C5 PE8 I . -8.80 13.22 0.20
C6 PE8 I . -7.88 13.52 1.39
O7 PE8 I . -6.56 13.01 1.23
C8 PE8 I . -5.65 13.40 2.19
C9 PE8 I . -4.79 12.20 2.39
O10 PE8 I . -5.15 11.66 3.58
C11 PE8 I . -4.09 11.65 4.37
C12 PE8 I . -4.59 11.17 5.69
O13 PE8 I . -4.51 12.28 6.51
C14 PE8 I . -4.92 11.99 7.77
C15 PE8 I . -4.85 13.29 8.51
O16 PE8 I . -5.99 13.99 8.12
C17 PE8 I . -5.93 15.27 8.56
C18 PE8 I . -7.21 16.04 8.19
O19 PE8 I . -8.30 15.53 8.89
C20 PE8 I . -9.55 15.99 8.42
C21 PE8 I . -10.69 15.82 9.41
O22 PE8 I . -10.29 16.00 10.74
C23 PE8 I . -11.35 16.16 11.65
C24 PE8 I . -10.94 16.51 13.09
O25 PE8 I . -9.85 15.86 13.76
PA NAD J . -20.17 -2.66 -8.49
O1A NAD J . -21.28 -3.61 -8.84
O2A NAD J . -19.34 -2.20 -9.62
O5B NAD J . -20.87 -1.43 -7.71
C5B NAD J . -20.22 -0.19 -7.47
C4B NAD J . -21.27 0.90 -7.39
O4B NAD J . -20.63 2.13 -7.05
C3B NAD J . -22.06 1.14 -8.70
O3B NAD J . -23.49 1.12 -8.47
C2B NAD J . -21.53 2.50 -9.17
O2B NAD J . -22.47 3.27 -9.87
C1B NAD J . -21.14 3.17 -7.86
N9A NAD J . -20.13 4.25 -8.03
C8A NAD J . -19.05 4.25 -8.86
N7A NAD J . -18.42 5.43 -8.74
C5A NAD J . -19.08 6.20 -7.86
C6A NAD J . -18.85 7.49 -7.36
N6A NAD J . -17.90 8.31 -7.82
N1A NAD J . -19.77 7.95 -6.45
C2A NAD J . -20.86 7.20 -6.00
N3A NAD J . -21.06 5.95 -6.50
C4A NAD J . -20.20 5.46 -7.43
O3 NAD J . -19.17 -3.32 -7.38
PN NAD J . -19.63 -4.32 -6.19
O1N NAD J . -20.94 -4.01 -5.59
O2N NAD J . -19.35 -5.69 -6.69
O5D NAD J . -18.48 -3.92 -5.13
C5D NAD J . -18.73 -3.14 -3.99
C4D NAD J . -17.44 -3.14 -3.15
O4D NAD J . -17.08 -4.47 -2.80
C3D NAD J . -16.21 -2.52 -3.85
O3D NAD J . -15.39 -1.90 -2.87
C2D NAD J . -15.47 -3.77 -4.32
O2D NAD J . -14.12 -3.52 -4.58
C1D NAD J . -15.73 -4.74 -3.16
N1N NAD J . -15.55 -6.14 -3.59
C2N NAD J . -16.42 -6.73 -4.48
C3N NAD J . -16.23 -8.05 -4.84
C7N NAD J . -17.28 -8.76 -5.72
O7N NAD J . -16.98 -10.05 -6.13
N7N NAD J . -18.45 -8.21 -6.09
C4N NAD J . -15.13 -8.79 -4.33
C5N NAD J . -14.25 -8.17 -3.44
C6N NAD J . -14.48 -6.84 -3.08
O1 MES K . -14.75 -14.19 -22.86
C2 MES K . -14.01 -13.08 -23.20
C3 MES K . -13.98 -12.74 -24.68
N4 MES K . -14.14 -13.92 -25.50
C5 MES K . -14.35 -15.24 -24.96
C6 MES K . -14.11 -15.25 -23.47
C7 MES K . -14.11 -13.79 -26.95
C8 MES K . -13.21 -12.70 -27.45
S MES K . -13.13 -12.58 -29.14
O1S MES K . -14.45 -12.44 -29.53
O2S MES K . -12.44 -11.47 -29.49
O3S MES K . -12.60 -13.68 -29.71
C1 GOL L . -12.65 -8.12 -6.64
O1 GOL L . -12.46 -7.58 -7.90
C2 GOL L . -13.00 -9.62 -6.85
O2 GOL L . -12.30 -10.49 -6.03
C3 GOL L . -12.63 -10.10 -8.20
O3 GOL L . -13.75 -10.10 -8.92
#